data_8K1M
#
_entry.id   8K1M
#
_cell.length_a   1.00
_cell.length_b   1.00
_cell.length_c   1.00
_cell.angle_alpha   90.00
_cell.angle_beta   90.00
_cell.angle_gamma   90.00
#
_symmetry.space_group_name_H-M   'P 1'
#
loop_
_entity.id
_entity.type
_entity.pdbx_description
1 polymer 'Multidrug efflux system permease protein Rv1217c'
2 polymer 'Multidrug efflux system ATP-binding protein Rv1218c'
3 non-polymer '(1S)-2-{[(S)-(2-aminoethoxy)(hydroxy)phosphoryl]oxy}-1-[(octadecanoyloxy)methyl]ethyl (9Z)-octadec-9-enoate'
4 non-polymer CARDIOLIPIN
#
loop_
_entity_poly.entity_id
_entity_poly.type
_entity_poly.pdbx_seq_one_letter_code
_entity_poly.pdbx_strand_id
1 'polypeptide(L)'
;MSSTVIDRARPAGHRAPHRGSGFTGTLGLLRLYLRRDRVSLPLWVLLLSVPLATVYIASVETVYPDRSARAAAAAAIMAS
PAQRALYGPVYNDSLGAVGIWKAGMFHTLIAVAVILTVIRHTRADEESGRAELIDSTVVGRYANLTGALLLSFGASIATG
AIGALGLLATDVAPAGSVAFGVALAASGMVFTAVAAVAAQLSPSARFTRAVAFAVLGTAFALRAIGDAGSGTLSWCSPLG
WSLQVRPYAGERWWVLLLSLATAAVLTVLAYRLRAGRDVGAGLIAERPGAGTAGPMLSEPFGLAWRLNRGSLLLWTVGLC
LYGLVMGSVVHGIGDQLGDNTAVRDIVTRMGGTGALEQAFLALAFTMIGMVAAAFAVSLTLRLHQEETGLRAETLLAGAV
SRTHWLASHLAMALAGSAVATLISGVAAGLAYGMTVGDVGGKLPTVVGTAAVQLPAVWLLSAVTVGLFGLAPRFTPVAWG
VLVGFIALYLLGSLAGFPQMLLNLEPFAHIPRVGGGDFTAVPLLWLLAIDAALITLGAMAFRRRDVRC
;
B
2 'polypeptide(L)'
;VPIEIRGLTKHFGSVRALDGLDLTVREGEVHGFLGPNGAGKSTTLRILLGLVKADGGSVRLLGGDPWTDAVDLHRHIAYV
PGDVTLWPSLTGGETIDLLARMRGGIDNARRAELIERFGLDPTKKARTYSKGNRQKVSLISALSSHATLLLLDEPSSGLD
PLMENVFQQCIGEARQRGVTVLLSSHILAETEALCEKVTIIRAGKTVESGSLDALRHLSRTSIKAEMIGDPGDLSQIKGV
EDISIEGTTVRAQVDSESLRELIQVLGHAGVRSLVSQPPTLEELFLRHY
;
C,D
#
# COMPACT_ATOMS: atom_id res chain seq x y z
N GLY A 20 -24.24 -1.14 -26.60
CA GLY A 20 -23.93 -1.02 -25.18
C GLY A 20 -24.30 -2.25 -24.38
N SER A 21 -23.31 -3.08 -24.10
CA SER A 21 -23.51 -4.31 -23.34
C SER A 21 -23.04 -4.12 -21.90
N GLY A 22 -23.11 -5.20 -21.13
CA GLY A 22 -22.53 -5.21 -19.80
C GLY A 22 -21.05 -5.49 -19.78
N PHE A 23 -20.47 -5.82 -20.93
CA PHE A 23 -19.04 -6.08 -21.05
C PHE A 23 -18.32 -5.01 -21.84
N THR A 24 -18.94 -3.86 -22.07
CA THR A 24 -18.31 -2.78 -22.82
C THR A 24 -17.10 -2.26 -22.07
N GLY A 25 -16.05 -1.93 -22.81
CA GLY A 25 -14.83 -1.42 -22.23
C GLY A 25 -13.93 -2.47 -21.62
N THR A 26 -14.10 -3.74 -21.97
CA THR A 26 -13.27 -4.79 -21.41
C THR A 26 -11.84 -4.71 -21.95
N LEU A 27 -11.69 -4.47 -23.25
CA LEU A 27 -10.35 -4.44 -23.84
C LEU A 27 -9.59 -3.19 -23.42
N GLY A 28 -10.28 -2.06 -23.26
CA GLY A 28 -9.62 -0.87 -22.75
C GLY A 28 -9.12 -1.05 -21.33
N LEU A 29 -9.94 -1.65 -20.48
CA LEU A 29 -9.50 -1.93 -19.11
C LEU A 29 -8.37 -2.94 -19.08
N LEU A 30 -8.41 -3.94 -19.97
CA LEU A 30 -7.32 -4.89 -20.06
C LEU A 30 -6.03 -4.20 -20.48
N ARG A 31 -6.11 -3.28 -21.44
CA ARG A 31 -4.94 -2.53 -21.85
C ARG A 31 -4.39 -1.67 -20.71
N LEU A 32 -5.28 -1.05 -19.94
CA LEU A 32 -4.85 -0.29 -18.77
C LEU A 32 -4.15 -1.17 -17.76
N TYR A 33 -4.71 -2.35 -17.48
CA TYR A 33 -4.08 -3.26 -16.53
C TYR A 33 -2.74 -3.75 -17.05
N LEU A 34 -2.52 -4.06 -18.30
CA LEU A 34 -1.16 -4.40 -18.81
C LEU A 34 -0.17 -3.28 -18.54
N ARG A 35 -0.33 -2.05 -19.01
CA ARG A 35 0.52 -0.87 -18.65
C ARG A 35 0.81 -0.75 -17.16
N ARG A 36 -0.16 -0.85 -16.30
CA ARG A 36 0.07 -0.59 -14.87
C ARG A 36 1.05 -1.59 -14.32
N ASP A 37 1.23 -2.73 -14.97
CA ASP A 37 2.27 -3.62 -14.46
C ASP A 37 3.07 -4.23 -15.61
N ARG A 38 3.51 -3.37 -16.54
CA ARG A 38 4.25 -3.83 -17.70
C ARG A 38 5.61 -4.41 -17.35
N VAL A 39 6.14 -4.12 -16.16
CA VAL A 39 7.43 -4.63 -15.75
C VAL A 39 7.32 -5.75 -14.72
N SER A 40 6.28 -5.75 -13.88
CA SER A 40 6.14 -6.79 -12.87
C SER A 40 5.66 -8.11 -13.46
N LEU A 41 4.93 -8.08 -14.57
CA LEU A 41 4.34 -9.27 -15.13
C LEU A 41 5.36 -10.14 -15.89
N PRO A 42 6.14 -9.57 -16.81
CA PRO A 42 7.15 -10.41 -17.50
C PRO A 42 8.16 -11.02 -16.55
N LEU A 43 8.52 -10.31 -15.47
CA LEU A 43 9.48 -10.85 -14.52
C LEU A 43 9.02 -12.17 -13.93
N TRP A 44 7.80 -12.20 -13.39
CA TRP A 44 7.37 -13.46 -12.79
C TRP A 44 6.81 -14.45 -13.81
N VAL A 45 6.55 -14.01 -15.05
CA VAL A 45 6.23 -14.97 -16.10
C VAL A 45 7.48 -15.75 -16.51
N LEU A 46 8.61 -15.05 -16.63
CA LEU A 46 9.84 -15.72 -17.09
C LEU A 46 10.56 -16.41 -15.94
N LEU A 47 10.79 -15.69 -14.83
CA LEU A 47 11.50 -16.23 -13.67
C LEU A 47 10.83 -17.45 -13.08
N LEU A 48 9.63 -17.81 -13.52
CA LEU A 48 8.92 -18.96 -13.02
C LEU A 48 8.81 -20.08 -14.04
N SER A 49 9.27 -19.86 -15.27
CA SER A 49 9.17 -20.87 -16.32
C SER A 49 10.50 -21.21 -16.97
N VAL A 50 11.36 -20.22 -17.21
CA VAL A 50 12.65 -20.48 -17.84
C VAL A 50 13.64 -21.17 -16.89
N PRO A 51 13.64 -20.93 -15.55
CA PRO A 51 14.62 -21.64 -14.73
C PRO A 51 14.19 -23.05 -14.39
N LEU A 52 13.66 -23.77 -15.37
CA LEU A 52 13.33 -25.17 -15.21
C LEU A 52 14.32 -26.07 -15.93
N ALA A 53 14.42 -25.95 -17.24
CA ALA A 53 15.32 -26.77 -18.03
C ALA A 53 16.77 -26.34 -17.92
N THR A 54 17.03 -25.13 -17.41
CA THR A 54 18.38 -24.65 -17.24
C THR A 54 18.89 -24.75 -15.81
N VAL A 55 18.02 -25.09 -14.85
CA VAL A 55 18.41 -25.15 -13.45
C VAL A 55 18.14 -26.53 -12.85
N TYR A 56 16.95 -27.09 -13.05
CA TYR A 56 16.58 -28.31 -12.36
C TYR A 56 17.08 -29.55 -13.11
N ILE A 57 16.68 -29.70 -14.37
CA ILE A 57 17.07 -30.89 -15.12
C ILE A 57 18.57 -30.88 -15.39
N ALA A 58 19.15 -29.70 -15.67
CA ALA A 58 20.58 -29.62 -15.90
C ALA A 58 21.37 -30.02 -14.66
N SER A 59 20.96 -29.51 -13.50
CA SER A 59 21.66 -29.86 -12.26
C SER A 59 21.50 -31.33 -11.93
N VAL A 60 20.31 -31.89 -12.16
CA VAL A 60 20.10 -33.32 -11.88
C VAL A 60 20.95 -34.17 -12.82
N GLU A 61 21.03 -33.79 -14.09
CA GLU A 61 21.87 -34.52 -15.02
C GLU A 61 23.34 -34.45 -14.62
N THR A 62 23.78 -33.29 -14.13
CA THR A 62 25.17 -33.17 -13.68
C THR A 62 25.43 -34.04 -12.45
N VAL A 63 24.58 -33.93 -11.44
CA VAL A 63 24.83 -34.64 -10.18
C VAL A 63 24.62 -36.13 -10.34
N TYR A 64 23.53 -36.54 -11.00
CA TYR A 64 23.17 -37.94 -11.16
C TYR A 64 23.34 -38.34 -12.61
N PRO A 65 24.51 -38.87 -13.00
CA PRO A 65 24.77 -39.13 -14.42
C PRO A 65 23.95 -40.28 -14.99
N ASP A 66 23.89 -41.41 -14.30
CA ASP A 66 23.33 -42.63 -14.87
C ASP A 66 22.14 -43.13 -14.04
N ARG A 67 21.55 -44.23 -14.51
CA ARG A 67 20.31 -44.75 -13.91
C ARG A 67 20.55 -45.27 -12.51
N SER A 68 21.70 -45.92 -12.27
CA SER A 68 21.96 -46.49 -10.96
C SER A 68 22.13 -45.41 -9.90
N ALA A 69 22.52 -44.20 -10.30
CA ALA A 69 22.62 -43.08 -9.37
C ALA A 69 21.28 -42.38 -9.17
N ARG A 70 20.28 -42.66 -9.99
CA ARG A 70 18.96 -42.06 -9.87
C ARG A 70 17.96 -42.95 -9.15
N ALA A 71 18.05 -44.27 -9.33
CA ALA A 71 17.22 -45.18 -8.55
C ALA A 71 17.54 -45.05 -7.06
N ALA A 72 18.81 -44.87 -6.73
CA ALA A 72 19.20 -44.66 -5.34
C ALA A 72 18.59 -43.37 -4.78
N ALA A 73 18.60 -42.30 -5.57
CA ALA A 73 18.01 -41.05 -5.11
C ALA A 73 16.51 -41.17 -4.92
N ALA A 74 15.82 -41.85 -5.84
CA ALA A 74 14.38 -42.04 -5.69
C ALA A 74 14.06 -42.86 -4.45
N ALA A 75 14.82 -43.94 -4.21
CA ALA A 75 14.58 -44.74 -3.02
C ALA A 75 14.92 -43.98 -1.75
N ALA A 76 15.90 -43.08 -1.82
CA ALA A 76 16.21 -42.24 -0.67
C ALA A 76 15.08 -41.27 -0.37
N ILE A 77 14.50 -40.68 -1.41
CA ILE A 77 13.36 -39.78 -1.20
C ILE A 77 12.17 -40.54 -0.62
N MET A 78 11.96 -41.78 -1.06
CA MET A 78 10.88 -42.59 -0.50
C MET A 78 11.09 -43.05 0.92
N ALA A 79 12.16 -42.72 1.63
CA ALA A 79 12.28 -43.06 3.05
C ALA A 79 12.43 -41.85 3.95
N SER A 80 11.71 -40.77 3.65
CA SER A 80 11.81 -39.55 4.44
C SER A 80 10.55 -38.72 4.31
N PRO A 81 9.57 -38.91 5.20
CA PRO A 81 8.33 -38.11 5.11
C PRO A 81 8.55 -36.61 5.21
N ALA A 82 9.54 -36.16 5.99
CA ALA A 82 9.80 -34.73 6.11
C ALA A 82 10.23 -34.13 4.78
N GLN A 83 10.80 -34.94 3.90
CA GLN A 83 11.23 -34.49 2.58
C GLN A 83 10.24 -34.85 1.49
N ARG A 84 9.41 -35.87 1.71
CA ARG A 84 8.35 -36.22 0.77
C ARG A 84 7.16 -35.28 0.87
N ALA A 85 6.86 -34.77 2.07
CA ALA A 85 5.70 -33.91 2.24
C ALA A 85 5.91 -32.53 1.65
N LEU A 86 7.16 -32.07 1.59
CA LEU A 86 7.42 -30.73 1.07
C LEU A 86 7.30 -30.67 -0.44
N TYR A 87 7.70 -31.73 -1.14
CA TYR A 87 7.73 -31.72 -2.60
C TYR A 87 6.82 -32.75 -3.26
N GLY A 88 6.62 -33.91 -2.64
CA GLY A 88 5.79 -34.93 -3.22
C GLY A 88 6.56 -36.19 -3.57
N PRO A 89 5.86 -37.21 -4.04
CA PRO A 89 6.50 -38.50 -4.32
C PRO A 89 7.21 -38.51 -5.67
N VAL A 90 8.03 -39.55 -5.86
CA VAL A 90 8.71 -39.85 -7.12
C VAL A 90 8.31 -41.27 -7.51
N TYR A 91 7.72 -41.42 -8.69
CA TYR A 91 7.12 -42.69 -9.05
C TYR A 91 8.06 -43.62 -9.82
N ASN A 92 9.09 -43.10 -10.47
CA ASN A 92 10.10 -43.95 -11.09
C ASN A 92 11.43 -43.22 -11.04
N ASP A 93 12.40 -43.69 -11.83
CA ASP A 93 13.78 -43.20 -11.75
C ASP A 93 14.27 -42.61 -13.06
N SER A 94 13.35 -42.20 -13.94
CA SER A 94 13.75 -41.57 -15.18
C SER A 94 14.36 -40.20 -14.91
N LEU A 95 15.03 -39.65 -15.93
CA LEU A 95 15.67 -38.35 -15.77
C LEU A 95 14.64 -37.26 -15.49
N GLY A 96 13.52 -37.29 -16.22
CA GLY A 96 12.51 -36.27 -16.03
C GLY A 96 11.83 -36.33 -14.67
N ALA A 97 11.48 -37.53 -14.21
CA ALA A 97 10.73 -37.65 -12.97
C ALA A 97 11.58 -37.27 -11.76
N VAL A 98 12.89 -37.51 -11.81
CA VAL A 98 13.75 -37.10 -10.71
C VAL A 98 14.12 -35.62 -10.83
N GLY A 99 14.33 -35.14 -12.06
CA GLY A 99 14.72 -33.75 -12.25
C GLY A 99 13.60 -32.76 -12.08
N ILE A 100 12.34 -33.22 -12.16
CA ILE A 100 11.18 -32.34 -12.02
C ILE A 100 10.59 -32.40 -10.63
N TRP A 101 11.14 -33.22 -9.74
CA TRP A 101 10.57 -33.39 -8.41
C TRP A 101 10.60 -32.08 -7.62
N LYS A 102 11.76 -31.45 -7.51
CA LYS A 102 11.86 -30.19 -6.77
C LYS A 102 11.12 -29.05 -7.42
N ALA A 103 10.71 -29.19 -8.68
CA ALA A 103 9.88 -28.20 -9.35
C ALA A 103 8.43 -28.25 -8.89
N GLY A 104 8.06 -29.23 -8.07
CA GLY A 104 6.71 -29.30 -7.55
C GLY A 104 6.31 -28.12 -6.69
N MET A 105 7.28 -27.33 -6.23
CA MET A 105 6.96 -26.10 -5.52
C MET A 105 6.43 -25.02 -6.44
N PHE A 106 6.75 -25.08 -7.73
CA PHE A 106 6.29 -24.04 -8.66
C PHE A 106 4.77 -23.96 -8.68
N HIS A 107 4.10 -25.12 -8.61
CA HIS A 107 2.64 -25.13 -8.56
C HIS A 107 2.11 -24.25 -7.44
N THR A 108 2.81 -24.20 -6.31
CA THR A 108 2.41 -23.28 -5.26
C THR A 108 2.71 -21.84 -5.65
N LEU A 109 3.93 -21.58 -6.12
CA LEU A 109 4.38 -20.20 -6.32
C LEU A 109 3.48 -19.48 -7.31
N ILE A 110 3.20 -20.12 -8.45
CA ILE A 110 2.35 -19.49 -9.46
C ILE A 110 1.01 -19.10 -8.85
N ALA A 111 0.44 -19.98 -8.02
CA ALA A 111 -0.82 -19.65 -7.37
C ALA A 111 -0.69 -18.33 -6.62
N VAL A 112 0.32 -18.22 -5.76
CA VAL A 112 0.57 -16.98 -5.05
C VAL A 112 0.50 -15.81 -6.02
N ALA A 113 1.28 -15.89 -7.10
CA ALA A 113 1.37 -14.77 -8.03
C ALA A 113 -0.01 -14.37 -8.51
N VAL A 114 -0.78 -15.34 -9.04
CA VAL A 114 -2.04 -14.96 -9.67
C VAL A 114 -2.96 -14.33 -8.64
N ILE A 115 -2.94 -14.87 -7.41
CA ILE A 115 -3.82 -14.31 -6.38
C ILE A 115 -3.55 -12.83 -6.24
N LEU A 116 -2.28 -12.46 -6.04
CA LEU A 116 -1.95 -11.06 -5.85
C LEU A 116 -2.47 -10.24 -7.02
N THR A 117 -2.22 -10.73 -8.25
CA THR A 117 -2.60 -9.97 -9.42
C THR A 117 -4.07 -9.61 -9.38
N VAL A 118 -4.92 -10.61 -9.09
CA VAL A 118 -6.36 -10.35 -9.13
C VAL A 118 -6.72 -9.31 -8.06
N ILE A 119 -6.21 -9.50 -6.85
CA ILE A 119 -6.57 -8.59 -5.78
C ILE A 119 -5.97 -7.22 -6.02
N ARG A 120 -4.99 -7.11 -6.92
CA ARG A 120 -4.42 -5.81 -7.22
C ARG A 120 -5.32 -5.03 -8.18
N HIS A 121 -6.11 -5.71 -9.00
CA HIS A 121 -6.82 -5.06 -10.08
C HIS A 121 -8.32 -5.02 -9.90
N THR A 122 -8.89 -5.78 -8.97
CA THR A 122 -10.33 -5.77 -8.72
C THR A 122 -10.66 -5.11 -7.39
N ARG A 123 -10.13 -5.64 -6.29
CA ARG A 123 -10.18 -4.97 -5.02
C ARG A 123 -8.92 -4.12 -4.91
N ALA A 124 -8.79 -3.32 -3.86
CA ALA A 124 -7.66 -2.41 -3.70
C ALA A 124 -7.61 -1.42 -4.86
N ASP A 125 -8.66 -1.41 -5.67
CA ASP A 125 -8.84 -0.46 -6.76
C ASP A 125 -10.22 0.16 -6.56
N GLU A 126 -11.13 -0.63 -6.00
CA GLU A 126 -12.39 -0.10 -5.48
C GLU A 126 -12.17 0.60 -4.15
N GLU A 127 -11.29 0.05 -3.31
CA GLU A 127 -11.01 0.64 -2.02
C GLU A 127 -10.32 1.99 -2.16
N SER A 128 -9.48 2.13 -3.18
CA SER A 128 -8.79 3.40 -3.41
C SER A 128 -9.71 4.47 -4.00
N GLY A 129 -10.87 4.08 -4.51
CA GLY A 129 -11.80 5.03 -5.09
C GLY A 129 -11.68 5.20 -6.59
N ARG A 130 -10.75 4.50 -7.23
CA ARG A 130 -10.58 4.66 -8.68
C ARG A 130 -11.66 3.93 -9.47
N ALA A 131 -12.23 2.87 -8.92
CA ALA A 131 -13.30 2.17 -9.63
C ALA A 131 -14.67 2.69 -9.22
N GLU A 132 -14.79 4.02 -9.18
CA GLU A 132 -16.06 4.72 -9.23
C GLU A 132 -15.88 5.86 -10.23
N LEU A 133 -14.64 6.30 -10.37
CA LEU A 133 -14.28 7.19 -11.46
C LEU A 133 -14.24 6.44 -12.78
N ILE A 134 -13.76 5.20 -12.76
CA ILE A 134 -13.74 4.40 -13.98
C ILE A 134 -15.15 4.03 -14.40
N ASP A 135 -16.00 3.65 -13.44
CA ASP A 135 -17.36 3.25 -13.73
C ASP A 135 -18.27 4.41 -14.09
N SER A 136 -17.81 5.65 -13.93
CA SER A 136 -18.54 6.82 -14.41
C SER A 136 -18.25 7.13 -15.87
N THR A 137 -17.43 6.31 -16.53
CA THR A 137 -17.09 6.49 -17.95
C THR A 137 -17.90 5.45 -18.71
N VAL A 138 -17.55 5.17 -19.93
CA VAL A 138 -18.31 4.23 -20.78
C VAL A 138 -17.66 2.86 -20.58
N VAL A 139 -18.07 2.20 -19.50
CA VAL A 139 -17.68 0.82 -19.23
C VAL A 139 -18.89 0.07 -18.70
N GLY A 140 -18.94 -1.23 -18.98
CA GLY A 140 -20.02 -2.06 -18.51
C GLY A 140 -19.86 -2.47 -17.06
N ARG A 141 -20.87 -3.16 -16.55
CA ARG A 141 -20.85 -3.58 -15.16
C ARG A 141 -19.80 -4.66 -14.92
N TYR A 142 -19.61 -5.56 -15.87
CA TYR A 142 -18.72 -6.71 -15.70
C TYR A 142 -17.41 -6.56 -16.47
N ALA A 143 -17.02 -5.35 -16.84
CA ALA A 143 -15.82 -5.17 -17.63
C ALA A 143 -14.56 -5.32 -16.78
N ASN A 144 -14.59 -4.83 -15.54
CA ASN A 144 -13.40 -4.85 -14.70
C ASN A 144 -13.03 -6.28 -14.29
N LEU A 145 -14.02 -7.04 -13.82
CA LEU A 145 -13.77 -8.42 -13.43
C LEU A 145 -13.31 -9.24 -14.62
N THR A 146 -13.95 -9.05 -15.78
CA THR A 146 -13.55 -9.78 -16.98
C THR A 146 -12.13 -9.43 -17.40
N GLY A 147 -11.76 -8.15 -17.33
CA GLY A 147 -10.40 -7.78 -17.67
C GLY A 147 -9.37 -8.41 -16.77
N ALA A 148 -9.63 -8.39 -15.46
CA ALA A 148 -8.69 -9.01 -14.53
C ALA A 148 -8.59 -10.52 -14.76
N LEU A 149 -9.73 -11.17 -15.00
CA LEU A 149 -9.72 -12.60 -15.27
C LEU A 149 -8.94 -12.93 -16.53
N LEU A 150 -9.13 -12.14 -17.59
CA LEU A 150 -8.38 -12.36 -18.82
C LEU A 150 -6.88 -12.19 -18.58
N LEU A 151 -6.49 -11.16 -17.83
CA LEU A 151 -5.07 -10.94 -17.55
C LEU A 151 -4.48 -12.15 -16.82
N SER A 152 -5.14 -12.62 -15.77
CA SER A 152 -4.57 -13.74 -15.00
C SER A 152 -4.55 -15.04 -15.79
N PHE A 153 -5.63 -15.36 -16.50
CA PHE A 153 -5.65 -16.58 -17.30
C PHE A 153 -4.57 -16.54 -18.37
N GLY A 154 -4.42 -15.40 -19.06
CA GLY A 154 -3.37 -15.29 -20.05
C GLY A 154 -1.99 -15.43 -19.46
N ALA A 155 -1.74 -14.84 -18.29
CA ALA A 155 -0.44 -14.95 -17.67
C ALA A 155 -0.12 -16.41 -17.33
N SER A 156 -1.08 -17.12 -16.75
CA SER A 156 -0.85 -18.52 -16.40
C SER A 156 -0.61 -19.37 -17.64
N ILE A 157 -1.40 -19.17 -18.69
CA ILE A 157 -1.20 -19.93 -19.92
C ILE A 157 0.16 -19.63 -20.52
N ALA A 158 0.59 -18.36 -20.49
CA ALA A 158 1.86 -18.00 -21.06
C ALA A 158 3.02 -18.64 -20.31
N THR A 159 2.98 -18.62 -18.97
CA THR A 159 4.08 -19.23 -18.23
C THR A 159 4.10 -20.75 -18.43
N GLY A 160 2.93 -21.38 -18.50
CA GLY A 160 2.89 -22.80 -18.82
C GLY A 160 3.48 -23.11 -20.18
N ALA A 161 3.13 -22.33 -21.20
CA ALA A 161 3.66 -22.57 -22.54
C ALA A 161 5.17 -22.37 -22.61
N ILE A 162 5.68 -21.32 -21.96
CA ILE A 162 7.12 -21.08 -21.99
C ILE A 162 7.86 -22.20 -21.27
N GLY A 163 7.33 -22.65 -20.13
CA GLY A 163 7.94 -23.78 -19.44
C GLY A 163 7.93 -25.05 -20.28
N ALA A 164 6.82 -25.32 -20.97
CA ALA A 164 6.77 -26.51 -21.83
C ALA A 164 7.78 -26.42 -22.96
N LEU A 165 7.94 -25.25 -23.57
CA LEU A 165 8.93 -25.10 -24.63
C LEU A 165 10.34 -25.32 -24.10
N GLY A 166 10.67 -24.68 -22.97
CA GLY A 166 11.98 -24.87 -22.39
C GLY A 166 12.28 -26.32 -22.08
N LEU A 167 11.29 -27.04 -21.55
CA LEU A 167 11.50 -28.46 -21.26
C LEU A 167 11.61 -29.29 -22.54
N LEU A 168 10.86 -28.93 -23.57
CA LEU A 168 10.99 -29.63 -24.85
C LEU A 168 12.33 -29.37 -25.52
N ALA A 169 13.07 -28.35 -25.09
CA ALA A 169 14.41 -28.11 -25.60
C ALA A 169 15.49 -28.89 -24.87
N THR A 170 15.15 -29.99 -24.20
CA THR A 170 16.13 -30.80 -23.50
C THR A 170 16.01 -32.28 -23.82
N ASP A 171 16.74 -33.12 -23.09
CA ASP A 171 16.73 -34.57 -23.32
C ASP A 171 15.84 -35.18 -22.23
N VAL A 172 14.53 -35.13 -22.48
CA VAL A 172 13.52 -35.78 -21.65
C VAL A 172 12.43 -36.30 -22.57
N ALA A 173 11.43 -36.94 -21.98
CA ALA A 173 10.31 -37.43 -22.76
C ALA A 173 9.51 -36.24 -23.27
N PRO A 174 9.29 -36.13 -24.60
CA PRO A 174 8.52 -35.00 -25.11
C PRO A 174 7.07 -34.98 -24.67
N ALA A 175 6.51 -36.11 -24.25
CA ALA A 175 5.13 -36.17 -23.82
C ALA A 175 4.94 -35.79 -22.36
N GLY A 176 6.01 -35.56 -21.62
CA GLY A 176 5.88 -35.20 -20.22
C GLY A 176 6.04 -33.72 -19.99
N SER A 177 6.81 -33.07 -20.87
CA SER A 177 6.94 -31.62 -20.80
C SER A 177 5.60 -30.93 -21.03
N VAL A 178 4.83 -31.42 -21.99
CA VAL A 178 3.50 -30.87 -22.24
C VAL A 178 2.60 -31.06 -21.02
N ALA A 179 2.66 -32.25 -20.40
CA ALA A 179 1.83 -32.51 -19.23
C ALA A 179 2.19 -31.59 -18.08
N PHE A 180 3.49 -31.39 -17.84
CA PHE A 180 3.89 -30.50 -16.76
C PHE A 180 3.49 -29.06 -17.05
N GLY A 181 3.62 -28.60 -18.30
CA GLY A 181 3.20 -27.26 -18.63
C GLY A 181 1.71 -27.05 -18.43
N VAL A 182 0.90 -28.01 -18.89
CA VAL A 182 -0.55 -27.89 -18.73
C VAL A 182 -0.95 -27.93 -17.26
N ALA A 183 -0.29 -28.79 -16.47
CA ALA A 183 -0.58 -28.82 -15.04
C ALA A 183 -0.23 -27.51 -14.37
N LEU A 184 0.90 -26.90 -14.74
CA LEU A 184 1.28 -25.62 -14.18
C LEU A 184 0.29 -24.53 -14.56
N ALA A 185 -0.22 -24.56 -15.79
CA ALA A 185 -1.23 -23.58 -16.20
C ALA A 185 -2.53 -23.77 -15.42
N ALA A 186 -2.97 -25.03 -15.26
CA ALA A 186 -4.25 -25.28 -14.60
C ALA A 186 -4.20 -24.92 -13.12
N SER A 187 -3.06 -25.20 -12.46
CA SER A 187 -2.94 -24.84 -11.05
C SER A 187 -2.98 -23.34 -10.83
N GLY A 188 -2.70 -22.54 -11.85
CA GLY A 188 -2.81 -21.11 -11.74
C GLY A 188 -4.20 -20.63 -12.09
N MET A 189 -4.84 -21.29 -13.05
CA MET A 189 -6.22 -20.92 -13.40
C MET A 189 -7.17 -21.16 -12.23
N VAL A 190 -7.01 -22.28 -11.53
CA VAL A 190 -7.90 -22.58 -10.41
C VAL A 190 -7.82 -21.50 -9.34
N PHE A 191 -6.60 -21.08 -9.00
CA PHE A 191 -6.46 -20.07 -7.96
C PHE A 191 -6.76 -18.66 -8.45
N THR A 192 -6.66 -18.41 -9.75
CA THR A 192 -7.27 -17.20 -10.31
C THR A 192 -8.76 -17.17 -10.03
N ALA A 193 -9.44 -18.30 -10.24
CA ALA A 193 -10.87 -18.37 -9.95
C ALA A 193 -11.15 -18.13 -8.47
N VAL A 194 -10.37 -18.76 -7.58
CA VAL A 194 -10.66 -18.59 -6.15
C VAL A 194 -10.39 -17.15 -5.71
N ALA A 195 -9.37 -16.51 -6.29
CA ALA A 195 -9.11 -15.10 -5.96
C ALA A 195 -10.24 -14.20 -6.46
N ALA A 196 -10.76 -14.49 -7.66
CA ALA A 196 -11.89 -13.72 -8.16
C ALA A 196 -13.10 -13.86 -7.25
N VAL A 197 -13.35 -15.08 -6.75
CA VAL A 197 -14.47 -15.28 -5.83
C VAL A 197 -14.23 -14.54 -4.53
N ALA A 198 -13.00 -14.58 -4.01
CA ALA A 198 -12.72 -13.97 -2.72
C ALA A 198 -12.74 -12.45 -2.78
N ALA A 199 -12.49 -11.88 -3.95
CA ALA A 199 -12.44 -10.42 -4.06
C ALA A 199 -13.80 -9.76 -3.83
N GLN A 200 -14.90 -10.51 -3.90
CA GLN A 200 -16.23 -9.95 -3.74
C GLN A 200 -16.72 -9.95 -2.31
N LEU A 201 -15.92 -10.41 -1.34
CA LEU A 201 -16.46 -10.74 -0.04
C LEU A 201 -16.38 -9.59 0.98
N SER A 202 -15.34 -8.79 0.95
CA SER A 202 -15.19 -7.75 1.97
C SER A 202 -14.74 -6.45 1.34
N PRO A 203 -15.11 -5.31 1.94
CA PRO A 203 -14.60 -4.02 1.45
C PRO A 203 -13.11 -3.83 1.62
N SER A 204 -12.44 -4.64 2.44
CA SER A 204 -11.02 -4.49 2.71
C SER A 204 -10.21 -5.41 1.79
N ALA A 205 -9.19 -4.85 1.16
CA ALA A 205 -8.31 -5.66 0.32
C ALA A 205 -7.48 -6.61 1.15
N ARG A 206 -7.04 -6.17 2.33
CA ARG A 206 -6.24 -7.01 3.21
C ARG A 206 -7.02 -8.25 3.63
N PHE A 207 -8.31 -8.08 3.94
CA PHE A 207 -9.14 -9.21 4.34
C PHE A 207 -9.28 -10.23 3.21
N THR A 208 -9.51 -9.75 1.98
CA THR A 208 -9.66 -10.66 0.86
C THR A 208 -8.36 -11.39 0.55
N ARG A 209 -7.23 -10.69 0.64
CA ARG A 209 -5.93 -11.34 0.48
C ARG A 209 -5.74 -12.42 1.55
N ALA A 210 -6.12 -12.12 2.79
CA ALA A 210 -6.01 -13.11 3.86
C ALA A 210 -6.87 -14.32 3.58
N VAL A 211 -8.09 -14.11 3.08
CA VAL A 211 -8.98 -15.24 2.80
C VAL A 211 -8.41 -16.11 1.70
N ALA A 212 -7.95 -15.50 0.60
CA ALA A 212 -7.40 -16.28 -0.50
C ALA A 212 -6.16 -17.05 -0.05
N PHE A 213 -5.28 -16.41 0.71
CA PHE A 213 -4.07 -17.09 1.16
C PHE A 213 -4.38 -18.17 2.20
N ALA A 214 -5.44 -17.99 2.98
CA ALA A 214 -5.86 -19.06 3.89
C ALA A 214 -6.34 -20.28 3.11
N VAL A 215 -7.09 -20.06 2.03
CA VAL A 215 -7.52 -21.18 1.20
C VAL A 215 -6.30 -21.87 0.58
N LEU A 216 -5.35 -21.10 0.08
CA LEU A 216 -4.15 -21.69 -0.50
C LEU A 216 -3.36 -22.47 0.55
N GLY A 217 -3.24 -21.93 1.75
CA GLY A 217 -2.48 -22.59 2.80
C GLY A 217 -3.13 -23.88 3.26
N THR A 218 -4.46 -23.88 3.43
CA THR A 218 -5.10 -25.13 3.81
C THR A 218 -5.04 -26.16 2.70
N ALA A 219 -5.09 -25.73 1.43
CA ALA A 219 -4.87 -26.67 0.34
C ALA A 219 -3.47 -27.28 0.41
N PHE A 220 -2.46 -26.46 0.68
CA PHE A 220 -1.10 -26.97 0.76
C PHE A 220 -0.93 -27.94 1.92
N ALA A 221 -1.49 -27.60 3.09
CA ALA A 221 -1.38 -28.49 4.24
C ALA A 221 -2.10 -29.81 4.00
N LEU A 222 -3.30 -29.75 3.41
CA LEU A 222 -4.04 -30.97 3.11
C LEU A 222 -3.34 -31.80 2.06
N ARG A 223 -2.57 -31.17 1.18
CA ARG A 223 -1.76 -31.91 0.22
C ARG A 223 -0.57 -32.59 0.91
N ALA A 224 0.12 -31.85 1.77
CA ALA A 224 1.33 -32.36 2.41
C ALA A 224 1.01 -33.52 3.34
N ILE A 225 -0.08 -33.42 4.10
CA ILE A 225 -0.45 -34.51 5.00
C ILE A 225 -0.70 -35.79 4.22
N GLY A 226 -1.42 -35.69 3.10
CA GLY A 226 -1.66 -36.87 2.28
C GLY A 226 -0.39 -37.39 1.62
N ASP A 227 0.52 -36.54 1.20
CA ASP A 227 1.77 -37.05 0.54
C ASP A 227 2.64 -37.76 1.57
N ALA A 228 2.74 -37.22 2.79
CA ALA A 228 3.57 -37.90 3.78
C ALA A 228 2.98 -39.22 4.26
N GLY A 229 1.73 -39.51 3.93
CA GLY A 229 1.08 -40.71 4.41
C GLY A 229 0.57 -41.63 3.32
N SER A 230 -0.68 -42.06 3.45
CA SER A 230 -1.24 -43.01 2.51
C SER A 230 -1.33 -42.43 1.09
N GLY A 231 -1.78 -41.18 0.97
CA GLY A 231 -1.95 -40.54 -0.32
C GLY A 231 -3.38 -40.32 -0.73
N THR A 232 -4.36 -40.78 0.05
CA THR A 232 -5.75 -40.59 -0.30
C THR A 232 -6.21 -39.16 -0.02
N LEU A 233 -5.69 -38.54 1.04
CA LEU A 233 -6.10 -37.18 1.39
C LEU A 233 -5.66 -36.17 0.34
N SER A 234 -4.53 -36.42 -0.33
CA SER A 234 -4.03 -35.45 -1.30
C SER A 234 -4.94 -35.29 -2.50
N TRP A 235 -5.86 -36.22 -2.73
CA TRP A 235 -6.85 -36.06 -3.78
C TRP A 235 -7.86 -34.96 -3.47
N CYS A 236 -7.94 -34.51 -2.21
CA CYS A 236 -8.93 -33.53 -1.79
C CYS A 236 -8.37 -32.11 -1.77
N SER A 237 -7.46 -31.79 -2.68
CA SER A 237 -6.86 -30.48 -2.68
C SER A 237 -6.50 -30.07 -4.10
N PRO A 238 -6.81 -28.83 -4.51
CA PRO A 238 -6.47 -28.41 -5.87
C PRO A 238 -4.98 -28.53 -6.18
N LEU A 239 -4.13 -28.23 -5.21
CA LEU A 239 -2.76 -28.69 -5.25
C LEU A 239 -2.75 -30.16 -4.87
N GLY A 240 -2.16 -30.98 -5.71
CA GLY A 240 -2.31 -32.41 -5.55
C GLY A 240 -2.99 -33.00 -6.76
N TRP A 241 -4.02 -32.33 -7.27
CA TRP A 241 -4.52 -32.69 -8.59
C TRP A 241 -3.48 -32.38 -9.66
N SER A 242 -2.61 -31.40 -9.40
CA SER A 242 -1.61 -31.00 -10.39
C SER A 242 -0.51 -32.04 -10.50
N LEU A 243 -0.08 -32.62 -9.38
CA LEU A 243 1.01 -33.57 -9.39
C LEU A 243 0.54 -35.03 -9.40
N GLN A 244 -0.77 -35.28 -9.45
CA GLN A 244 -1.27 -36.61 -9.78
C GLN A 244 -1.49 -36.80 -11.27
N VAL A 245 -1.21 -35.78 -12.09
CA VAL A 245 -1.11 -36.00 -13.52
C VAL A 245 0.05 -36.92 -13.83
N ARG A 246 1.09 -36.89 -13.00
CA ARG A 246 2.27 -37.73 -13.10
C ARG A 246 2.96 -37.58 -14.46
N PRO A 247 3.51 -36.40 -14.77
CA PRO A 247 4.36 -36.31 -15.96
C PRO A 247 5.63 -37.12 -15.77
N TYR A 248 6.10 -37.71 -16.87
CA TYR A 248 7.30 -38.54 -16.94
C TYR A 248 7.14 -39.88 -16.22
N ALA A 249 5.99 -40.15 -15.61
CA ALA A 249 5.80 -41.39 -14.86
C ALA A 249 4.52 -42.11 -15.27
N GLY A 250 3.97 -41.79 -16.43
CA GLY A 250 2.71 -42.34 -16.88
C GLY A 250 1.60 -41.36 -16.63
N GLU A 251 1.20 -40.62 -17.66
CA GLU A 251 0.35 -39.45 -17.47
C GLU A 251 -1.11 -39.84 -17.32
N ARG A 252 -1.78 -39.23 -16.36
CA ARG A 252 -3.23 -39.35 -16.18
C ARG A 252 -3.83 -38.04 -16.66
N TRP A 253 -4.23 -38.02 -17.93
CA TRP A 253 -4.72 -36.79 -18.53
C TRP A 253 -6.08 -36.38 -17.97
N TRP A 254 -6.90 -37.35 -17.58
CA TRP A 254 -8.26 -37.07 -17.16
C TRP A 254 -8.31 -36.27 -15.86
N VAL A 255 -7.17 -36.10 -15.21
CA VAL A 255 -7.12 -35.25 -14.03
C VAL A 255 -7.27 -33.77 -14.42
N LEU A 256 -6.81 -33.40 -15.62
CA LEU A 256 -6.80 -31.99 -15.99
C LEU A 256 -8.22 -31.43 -16.05
N LEU A 257 -9.14 -32.12 -16.72
CA LEU A 257 -10.52 -31.65 -16.76
C LEU A 257 -11.24 -31.87 -15.44
N LEU A 258 -10.52 -32.27 -14.40
CA LEU A 258 -11.03 -32.24 -13.04
C LEU A 258 -10.69 -30.95 -12.33
N SER A 259 -9.66 -30.23 -12.80
CA SER A 259 -9.37 -28.89 -12.33
C SER A 259 -10.15 -27.83 -13.11
N LEU A 260 -10.16 -27.96 -14.45
CA LEU A 260 -10.88 -27.02 -15.28
C LEU A 260 -12.32 -26.86 -14.83
N ALA A 261 -13.03 -27.97 -14.64
CA ALA A 261 -14.40 -27.92 -14.17
C ALA A 261 -14.50 -27.08 -12.91
N THR A 262 -13.64 -27.35 -11.93
CA THR A 262 -13.65 -26.57 -10.70
C THR A 262 -13.56 -25.09 -11.01
N ALA A 263 -12.55 -24.71 -11.80
CA ALA A 263 -12.39 -23.30 -12.14
C ALA A 263 -13.69 -22.74 -12.71
N ALA A 264 -14.27 -23.45 -13.67
CA ALA A 264 -15.49 -22.97 -14.31
C ALA A 264 -16.53 -22.64 -13.25
N VAL A 265 -16.79 -23.58 -12.35
CA VAL A 265 -17.82 -23.35 -11.34
C VAL A 265 -17.52 -22.09 -10.56
N LEU A 266 -16.28 -21.99 -10.06
CA LEU A 266 -15.95 -20.84 -9.24
C LEU A 266 -16.13 -19.55 -10.02
N THR A 267 -15.72 -19.54 -11.29
CA THR A 267 -15.86 -18.34 -12.08
C THR A 267 -17.31 -17.90 -12.13
N VAL A 268 -18.21 -18.85 -12.41
CA VAL A 268 -19.64 -18.52 -12.44
C VAL A 268 -20.05 -17.90 -11.12
N LEU A 269 -19.64 -18.53 -10.01
CA LEU A 269 -20.00 -18.02 -8.71
C LEU A 269 -19.55 -16.58 -8.54
N ALA A 270 -18.32 -16.27 -8.98
CA ALA A 270 -17.82 -14.91 -8.86
C ALA A 270 -18.80 -13.93 -9.50
N TYR A 271 -19.21 -14.22 -10.73
CA TYR A 271 -20.09 -13.30 -11.43
C TYR A 271 -21.40 -13.12 -10.68
N ARG A 272 -21.94 -14.23 -10.13
CA ARG A 272 -23.17 -14.10 -9.36
C ARG A 272 -22.96 -13.20 -8.15
N LEU A 273 -21.84 -13.36 -7.45
CA LEU A 273 -21.56 -12.51 -6.31
C LEU A 273 -21.36 -11.06 -6.72
N ARG A 274 -21.07 -10.81 -7.99
CA ARG A 274 -21.00 -9.43 -8.47
C ARG A 274 -22.36 -8.90 -8.89
N ALA A 275 -23.26 -9.80 -9.32
CA ALA A 275 -24.55 -9.36 -9.84
C ALA A 275 -25.45 -8.81 -8.75
N GLY A 276 -25.22 -9.17 -7.50
CA GLY A 276 -26.03 -8.73 -6.37
C GLY A 276 -25.20 -7.93 -5.38
N ARG A 277 -24.38 -7.01 -5.89
CA ARG A 277 -23.48 -6.23 -5.07
C ARG A 277 -23.40 -4.83 -5.62
N ASP A 278 -23.09 -3.88 -4.74
CA ASP A 278 -22.84 -2.50 -5.12
C ASP A 278 -21.36 -2.27 -5.32
N VAL A 279 -21.04 -1.22 -6.05
CA VAL A 279 -19.66 -0.99 -6.48
C VAL A 279 -18.77 -0.73 -5.27
N GLY A 280 -19.27 -0.02 -4.26
CA GLY A 280 -18.42 0.37 -3.15
C GLY A 280 -17.90 -0.79 -2.35
N ALA A 281 -18.77 -1.72 -1.98
CA ALA A 281 -18.42 -2.78 -1.03
C ALA A 281 -19.59 -3.76 -0.94
N GLY A 282 -19.36 -4.85 -0.21
CA GLY A 282 -20.45 -5.74 0.11
C GLY A 282 -20.01 -7.01 0.80
N LEU A 283 -20.99 -7.71 1.37
CA LEU A 283 -21.06 -9.09 1.83
C LEU A 283 -20.38 -9.38 3.17
N ILE A 284 -19.62 -8.46 3.76
CA ILE A 284 -19.04 -8.67 5.10
C ILE A 284 -18.81 -7.33 5.76
N ALA A 285 -19.31 -7.19 6.99
CA ALA A 285 -19.04 -6.00 7.79
C ALA A 285 -17.75 -6.18 8.58
N GLU A 286 -17.09 -5.06 8.85
CA GLU A 286 -15.81 -5.11 9.55
C GLU A 286 -16.01 -4.94 11.06
N ARG A 287 -14.91 -5.08 11.81
CA ARG A 287 -14.99 -5.19 13.25
C ARG A 287 -14.54 -3.91 13.92
N PRO A 288 -15.41 -3.25 14.69
CA PRO A 288 -14.97 -2.17 15.57
C PRO A 288 -14.23 -2.70 16.80
N GLY A 289 -13.99 -1.84 17.79
CA GLY A 289 -13.66 -2.39 19.09
C GLY A 289 -12.74 -1.63 20.04
N ALA A 290 -12.04 -0.61 19.58
CA ALA A 290 -11.13 0.14 20.46
C ALA A 290 -11.50 1.62 20.47
N GLY A 291 -12.23 2.04 21.49
CA GLY A 291 -12.59 3.43 21.66
C GLY A 291 -11.57 4.29 22.38
N THR A 292 -10.64 3.66 23.05
CA THR A 292 -9.59 4.43 23.74
C THR A 292 -8.28 3.72 23.50
N ALA A 293 -7.18 4.27 23.97
CA ALA A 293 -5.85 3.71 23.76
C ALA A 293 -5.45 3.07 25.08
N GLY A 294 -4.96 1.84 25.05
CA GLY A 294 -4.68 1.20 26.33
C GLY A 294 -3.40 1.74 26.87
N PRO A 295 -2.95 1.37 28.08
CA PRO A 295 -1.77 1.99 28.60
C PRO A 295 -0.55 1.81 27.70
N MET A 296 -0.64 0.98 26.68
CA MET A 296 0.51 0.75 25.77
C MET A 296 0.36 1.38 24.39
N LEU A 297 -0.15 2.57 24.25
CA LEU A 297 0.01 3.28 22.96
C LEU A 297 0.17 4.78 23.11
N SER A 298 1.42 5.15 23.37
CA SER A 298 1.77 6.47 23.91
C SER A 298 3.15 6.89 23.44
N GLU A 299 3.81 6.18 22.51
CA GLU A 299 5.27 6.32 22.33
C GLU A 299 5.52 5.94 20.88
N PRO A 300 6.61 6.33 20.20
CA PRO A 300 6.76 5.86 18.85
C PRO A 300 7.32 4.43 18.89
N PHE A 301 7.32 3.74 20.03
CA PHE A 301 7.82 2.35 20.25
C PHE A 301 6.66 1.39 20.32
N GLY A 302 5.58 1.74 20.98
CA GLY A 302 4.31 1.02 20.98
C GLY A 302 3.61 1.07 19.65
N LEU A 303 3.64 2.24 19.00
CA LEU A 303 3.04 2.38 17.67
C LEU A 303 3.76 1.50 16.66
N ALA A 304 5.09 1.39 16.77
CA ALA A 304 5.84 0.51 15.88
C ALA A 304 5.53 -0.95 16.14
N TRP A 305 5.33 -1.31 17.41
CA TRP A 305 4.89 -2.67 17.73
C TRP A 305 3.55 -2.98 17.10
N ARG A 306 2.61 -2.03 17.17
CA ARG A 306 1.30 -2.24 16.55
C ARG A 306 1.42 -2.40 15.04
N LEU A 307 2.33 -1.65 14.42
CA LEU A 307 2.46 -1.65 12.96
C LEU A 307 3.22 -2.85 12.42
N ASN A 308 3.90 -3.63 13.27
CA ASN A 308 4.82 -4.64 12.79
C ASN A 308 4.52 -6.06 13.27
N ARG A 309 3.64 -6.24 14.26
CA ARG A 309 3.53 -7.54 14.92
C ARG A 309 3.12 -8.64 13.96
N GLY A 310 2.21 -8.34 13.02
CA GLY A 310 1.77 -9.36 12.09
C GLY A 310 2.87 -9.88 11.19
N SER A 311 3.71 -8.97 10.68
CA SER A 311 4.82 -9.39 9.82
C SER A 311 5.84 -10.20 10.60
N LEU A 312 6.14 -9.81 11.84
CA LEU A 312 7.00 -10.62 12.68
C LEU A 312 6.44 -12.02 12.86
N LEU A 313 5.15 -12.14 13.14
CA LEU A 313 4.56 -13.47 13.31
C LEU A 313 4.70 -14.30 12.03
N LEU A 314 4.37 -13.70 10.89
CA LEU A 314 4.44 -14.43 9.62
C LEU A 314 5.87 -14.90 9.33
N TRP A 315 6.83 -13.98 9.38
CA TRP A 315 8.21 -14.33 9.06
C TRP A 315 8.77 -15.36 10.04
N THR A 316 8.47 -15.19 11.33
CA THR A 316 8.97 -16.13 12.32
C THR A 316 8.43 -17.53 12.09
N VAL A 317 7.12 -17.65 11.81
CA VAL A 317 6.55 -18.96 11.55
C VAL A 317 7.18 -19.58 10.31
N GLY A 318 7.33 -18.79 9.24
CA GLY A 318 7.92 -19.33 8.03
C GLY A 318 9.34 -19.82 8.24
N LEU A 319 10.17 -19.02 8.90
CA LEU A 319 11.56 -19.41 9.11
C LEU A 319 11.66 -20.61 10.05
N CYS A 320 10.83 -20.66 11.09
CA CYS A 320 10.84 -21.81 11.99
C CYS A 320 10.46 -23.09 11.26
N LEU A 321 9.43 -23.01 10.41
CA LEU A 321 9.01 -24.19 9.66
C LEU A 321 10.10 -24.64 8.68
N TYR A 322 10.74 -23.70 8.01
CA TYR A 322 11.80 -24.06 7.07
C TYR A 322 12.99 -24.69 7.79
N GLY A 323 13.37 -24.14 8.95
CA GLY A 323 14.45 -24.73 9.73
C GLY A 323 14.10 -26.11 10.24
N LEU A 324 12.84 -26.31 10.63
CA LEU A 324 12.39 -27.64 11.04
C LEU A 324 12.50 -28.63 9.89
N VAL A 325 12.16 -28.19 8.68
CA VAL A 325 12.29 -29.07 7.51
C VAL A 325 13.74 -29.41 7.26
N MET A 326 14.63 -28.42 7.34
CA MET A 326 16.04 -28.66 7.05
C MET A 326 16.72 -29.49 8.13
N GLY A 327 16.21 -29.48 9.36
CA GLY A 327 16.87 -30.21 10.42
C GLY A 327 16.85 -31.71 10.23
N SER A 328 15.78 -32.23 9.63
CA SER A 328 15.67 -33.68 9.46
C SER A 328 16.62 -34.19 8.39
N VAL A 329 16.81 -33.42 7.31
CA VAL A 329 17.55 -33.88 6.14
C VAL A 329 19.04 -34.04 6.43
N VAL A 330 19.57 -33.39 7.47
CA VAL A 330 21.01 -33.31 7.66
C VAL A 330 21.63 -34.69 7.81
N HIS A 331 20.92 -35.60 8.48
CA HIS A 331 21.36 -36.99 8.58
C HIS A 331 20.63 -37.83 7.55
N GLY A 332 21.39 -38.51 6.71
CA GLY A 332 20.85 -39.18 5.55
C GLY A 332 21.52 -38.66 4.29
N ILE A 333 21.86 -37.36 4.31
CA ILE A 333 22.69 -36.80 3.26
C ILE A 333 24.09 -37.40 3.32
N GLY A 334 24.58 -37.69 4.53
CA GLY A 334 25.90 -38.28 4.69
C GLY A 334 26.07 -39.62 4.02
N ASP A 335 24.97 -40.36 3.82
CA ASP A 335 25.02 -41.68 3.19
C ASP A 335 24.45 -41.68 1.78
N GLN A 336 23.25 -41.15 1.58
CA GLN A 336 22.63 -41.14 0.26
C GLN A 336 23.15 -40.03 -0.64
N LEU A 337 24.25 -39.39 -0.26
CA LEU A 337 24.94 -38.43 -1.11
C LEU A 337 26.43 -38.61 -0.87
N GLY A 338 27.24 -37.87 -1.60
CA GLY A 338 28.68 -38.03 -1.50
C GLY A 338 29.21 -39.01 -2.53
N ASP A 339 30.23 -39.78 -2.15
CA ASP A 339 30.89 -40.72 -3.04
C ASP A 339 31.41 -40.04 -4.29
N ASN A 340 31.68 -38.73 -4.18
CA ASN A 340 32.06 -37.88 -5.31
C ASN A 340 31.06 -38.02 -6.46
N THR A 341 29.81 -37.70 -6.16
CA THR A 341 28.78 -37.57 -7.17
C THR A 341 28.69 -36.15 -7.71
N ALA A 342 29.82 -35.43 -7.70
CA ALA A 342 29.97 -34.02 -8.07
C ALA A 342 29.47 -33.06 -7.00
N VAL A 343 29.33 -33.52 -5.76
CA VAL A 343 28.99 -32.64 -4.66
C VAL A 343 30.13 -32.49 -3.66
N ARG A 344 31.09 -33.41 -3.64
CA ARG A 344 32.27 -33.31 -2.79
C ARG A 344 33.21 -32.20 -3.20
N ASP A 345 32.86 -31.39 -4.19
CA ASP A 345 33.71 -30.32 -4.69
C ASP A 345 33.17 -28.93 -4.36
N ILE A 346 31.86 -28.76 -4.35
CA ILE A 346 31.27 -27.46 -4.01
C ILE A 346 30.88 -27.38 -2.54
N VAL A 347 30.39 -28.48 -1.97
CA VAL A 347 30.10 -28.50 -0.53
C VAL A 347 31.39 -28.41 0.26
N THR A 348 32.48 -29.01 -0.24
CA THR A 348 33.75 -28.92 0.46
C THR A 348 34.36 -27.54 0.43
N ARG A 349 33.87 -26.64 -0.44
CA ARG A 349 34.34 -25.27 -0.48
C ARG A 349 33.40 -24.33 0.26
N MET A 350 32.13 -24.31 -0.14
CA MET A 350 31.16 -23.44 0.52
C MET A 350 30.96 -23.83 1.99
N GLY A 351 30.89 -25.12 2.26
CA GLY A 351 30.57 -25.60 3.59
C GLY A 351 31.75 -25.64 4.53
N GLY A 352 31.71 -26.60 5.45
CA GLY A 352 32.67 -26.72 6.54
C GLY A 352 33.98 -27.38 6.22
N THR A 353 34.19 -27.80 4.97
CA THR A 353 35.45 -28.41 4.53
C THR A 353 35.83 -29.60 5.41
N GLY A 354 34.96 -30.61 5.40
CA GLY A 354 35.19 -31.78 6.22
C GLY A 354 34.00 -32.71 6.27
N ALA A 355 33.60 -33.11 7.49
CA ALA A 355 32.44 -33.98 7.66
C ALA A 355 31.20 -33.33 7.06
N LEU A 356 30.67 -33.94 5.99
CA LEU A 356 29.57 -33.32 5.25
C LEU A 356 28.33 -33.16 6.11
N GLU A 357 28.20 -33.91 7.21
CA GLU A 357 27.08 -33.72 8.11
C GLU A 357 27.11 -32.34 8.77
N GLN A 358 28.31 -31.77 8.93
CA GLN A 358 28.45 -30.41 9.43
C GLN A 358 28.62 -29.38 8.32
N ALA A 359 29.26 -29.76 7.22
CA ALA A 359 29.37 -28.86 6.08
C ALA A 359 27.99 -28.52 5.53
N PHE A 360 27.11 -29.51 5.45
CA PHE A 360 25.75 -29.26 4.95
C PHE A 360 24.99 -28.34 5.90
N LEU A 361 25.20 -28.50 7.22
CA LEU A 361 24.54 -27.63 8.18
C LEU A 361 25.01 -26.19 8.03
N ALA A 362 26.33 -26.01 7.90
CA ALA A 362 26.88 -24.68 7.72
C ALA A 362 26.38 -24.04 6.43
N LEU A 363 26.27 -24.84 5.36
CA LEU A 363 25.76 -24.34 4.10
C LEU A 363 24.27 -24.03 4.16
N ALA A 364 23.51 -24.82 4.93
CA ALA A 364 22.07 -24.64 5.01
C ALA A 364 21.69 -23.42 5.86
N PHE A 365 22.50 -23.09 6.86
CA PHE A 365 22.16 -21.93 7.67
C PHE A 365 22.51 -20.61 6.99
N THR A 366 23.34 -20.63 5.95
CA THR A 366 23.58 -19.42 5.20
C THR A 366 22.33 -18.97 4.44
N MET A 367 21.56 -19.92 3.92
CA MET A 367 20.30 -19.56 3.28
C MET A 367 19.33 -18.92 4.27
N ILE A 368 19.26 -19.47 5.49
CA ILE A 368 18.41 -18.89 6.51
C ILE A 368 18.90 -17.50 6.91
N GLY A 369 20.22 -17.31 6.95
CA GLY A 369 20.76 -15.99 7.20
C GLY A 369 20.38 -14.99 6.12
N MET A 370 20.41 -15.42 4.85
CA MET A 370 20.01 -14.54 3.76
C MET A 370 18.53 -14.19 3.84
N VAL A 371 17.69 -15.16 4.17
CA VAL A 371 16.26 -14.88 4.32
C VAL A 371 16.02 -13.93 5.48
N ALA A 372 16.74 -14.10 6.58
CA ALA A 372 16.61 -13.19 7.72
C ALA A 372 17.10 -11.80 7.38
N ALA A 373 18.14 -11.68 6.55
CA ALA A 373 18.57 -10.36 6.09
C ALA A 373 17.49 -9.70 5.24
N ALA A 374 16.85 -10.46 4.36
CA ALA A 374 15.73 -9.92 3.60
C ALA A 374 14.60 -9.48 4.53
N PHE A 375 14.39 -10.22 5.63
CA PHE A 375 13.41 -9.81 6.64
C PHE A 375 13.81 -8.49 7.28
N ALA A 376 15.08 -8.36 7.65
CA ALA A 376 15.53 -7.15 8.34
C ALA A 376 15.49 -5.93 7.45
N VAL A 377 15.58 -6.13 6.13
CA VAL A 377 15.50 -4.98 5.21
C VAL A 377 14.10 -4.38 5.22
N SER A 378 13.07 -5.21 5.33
CA SER A 378 11.69 -4.73 5.22
C SER A 378 11.31 -3.86 6.42
N LEU A 379 11.62 -4.33 7.63
CA LEU A 379 11.26 -3.57 8.82
C LEU A 379 11.99 -2.25 8.90
N THR A 380 13.08 -2.09 8.13
CA THR A 380 13.79 -0.82 8.08
C THR A 380 13.31 0.06 6.94
N LEU A 381 12.87 -0.54 5.82
CA LEU A 381 12.17 0.24 4.80
C LEU A 381 10.83 0.75 5.30
N ARG A 382 10.32 0.17 6.39
CA ARG A 382 9.14 0.74 7.03
C ARG A 382 9.35 2.20 7.39
N LEU A 383 10.59 2.57 7.71
CA LEU A 383 10.93 3.95 8.03
C LEU A 383 10.75 4.87 6.82
N HIS A 384 11.26 4.44 5.67
CA HIS A 384 11.10 5.20 4.43
C HIS A 384 9.63 5.30 4.04
N GLN A 385 8.89 4.21 4.21
CA GLN A 385 7.46 4.24 3.92
C GLN A 385 6.74 5.23 4.83
N GLU A 386 7.11 5.26 6.10
CA GLU A 386 6.49 6.19 7.04
C GLU A 386 6.77 7.63 6.64
N GLU A 387 8.01 7.94 6.30
CA GLU A 387 8.33 9.32 5.93
C GLU A 387 7.62 9.73 4.64
N THR A 388 7.71 8.90 3.61
CA THR A 388 7.15 9.28 2.31
C THR A 388 5.63 9.34 2.33
N GLY A 389 4.99 8.77 3.36
CA GLY A 389 3.56 8.81 3.52
C GLY A 389 3.04 10.00 4.31
N LEU A 390 3.90 10.97 4.61
CA LEU A 390 3.54 12.21 5.30
C LEU A 390 3.08 11.98 6.74
N ARG A 391 3.46 10.87 7.36
CA ARG A 391 3.13 10.62 8.75
C ARG A 391 4.30 10.85 9.68
N ALA A 392 5.54 10.79 9.17
CA ALA A 392 6.69 11.15 10.00
C ALA A 392 6.64 12.60 10.42
N GLU A 393 6.13 13.49 9.57
CA GLU A 393 5.95 14.88 9.97
C GLU A 393 4.94 15.01 11.09
N THR A 394 3.84 14.24 11.02
CA THR A 394 2.86 14.26 12.08
C THR A 394 3.45 13.77 13.40
N LEU A 395 4.25 12.71 13.36
CA LEU A 395 4.87 12.21 14.58
C LEU A 395 5.90 13.19 15.13
N LEU A 396 6.76 13.72 14.27
CA LEU A 396 7.87 14.56 14.71
C LEU A 396 7.44 16.01 15.00
N ALA A 397 6.22 16.39 14.64
CA ALA A 397 5.70 17.69 15.04
C ALA A 397 5.24 17.72 16.48
N GLY A 398 5.23 16.57 17.16
CA GLY A 398 4.95 16.50 18.58
C GLY A 398 6.22 16.60 19.39
N ALA A 399 6.14 16.16 20.64
CA ALA A 399 7.29 16.18 21.54
C ALA A 399 8.07 14.86 21.45
N VAL A 400 8.44 14.48 20.23
CA VAL A 400 9.18 13.26 19.96
C VAL A 400 10.54 13.65 19.39
N SER A 401 11.60 13.20 20.04
CA SER A 401 12.94 13.46 19.55
C SER A 401 13.14 12.79 18.20
N ARG A 402 13.96 13.41 17.36
CA ARG A 402 14.17 12.89 16.02
C ARG A 402 14.94 11.57 16.03
N THR A 403 15.65 11.27 17.11
CA THR A 403 16.33 9.99 17.27
C THR A 403 15.56 9.01 18.14
N HIS A 404 14.60 9.47 18.94
CA HIS A 404 13.69 8.55 19.63
C HIS A 404 12.81 7.83 18.61
N TRP A 405 12.26 8.58 17.67
CA TRP A 405 11.84 7.99 16.40
C TRP A 405 13.08 7.59 15.62
N LEU A 406 12.96 6.54 14.82
CA LEU A 406 14.03 5.85 14.10
C LEU A 406 14.83 4.94 15.04
N ALA A 407 14.65 5.02 16.34
CA ALA A 407 15.13 3.99 17.25
C ALA A 407 14.03 3.01 17.61
N SER A 408 12.83 3.21 17.09
CA SER A 408 11.70 2.34 17.33
C SER A 408 11.41 1.40 16.18
N HIS A 409 11.95 1.67 14.99
CA HIS A 409 11.93 0.70 13.91
C HIS A 409 13.24 -0.08 13.81
N LEU A 410 14.36 0.57 14.12
CA LEU A 410 15.63 -0.15 14.21
C LEU A 410 15.57 -1.22 15.28
N ALA A 411 15.03 -0.90 16.46
CA ALA A 411 14.93 -1.89 17.52
C ALA A 411 14.06 -3.07 17.09
N MET A 412 12.95 -2.79 16.42
CA MET A 412 12.09 -3.87 15.95
C MET A 412 12.82 -4.74 14.93
N ALA A 413 13.51 -4.12 13.98
CA ALA A 413 14.23 -4.88 12.97
C ALA A 413 15.30 -5.78 13.60
N LEU A 414 16.14 -5.19 14.46
CA LEU A 414 17.22 -5.95 15.07
C LEU A 414 16.67 -7.08 15.94
N ALA A 415 15.77 -6.76 16.86
CA ALA A 415 15.27 -7.75 17.80
C ALA A 415 14.26 -8.71 17.18
N GLY A 416 13.81 -8.47 15.96
CA GLY A 416 12.96 -9.42 15.29
C GLY A 416 13.76 -10.39 14.45
N SER A 417 14.76 -9.87 13.73
CA SER A 417 15.64 -10.77 12.99
C SER A 417 16.57 -11.54 13.91
N ALA A 418 16.74 -11.10 15.16
CA ALA A 418 17.54 -11.84 16.12
C ALA A 418 16.77 -12.97 16.79
N VAL A 419 15.44 -12.99 16.69
CA VAL A 419 14.67 -14.10 17.20
C VAL A 419 14.16 -15.02 16.09
N ALA A 420 13.88 -14.48 14.90
CA ALA A 420 13.48 -15.34 13.78
C ALA A 420 14.59 -16.31 13.38
N THR A 421 15.84 -15.99 13.72
CA THR A 421 16.96 -16.87 13.43
C THR A 421 17.24 -17.84 14.56
N LEU A 422 17.14 -17.37 15.81
CA LEU A 422 17.37 -18.26 16.95
C LEU A 422 16.28 -19.32 17.07
N ILE A 423 15.03 -18.96 16.79
CA ILE A 423 13.96 -19.94 16.81
C ILE A 423 14.17 -20.98 15.71
N SER A 424 14.60 -20.54 14.52
CA SER A 424 14.91 -21.48 13.45
C SER A 424 16.03 -22.43 13.86
N GLY A 425 17.07 -21.90 14.50
CA GLY A 425 18.14 -22.75 14.98
C GLY A 425 17.66 -23.76 16.02
N VAL A 426 16.78 -23.33 16.91
CA VAL A 426 16.24 -24.24 17.92
C VAL A 426 15.44 -25.35 17.26
N ALA A 427 14.61 -25.01 16.28
CA ALA A 427 13.81 -26.02 15.60
C ALA A 427 14.69 -27.02 14.87
N ALA A 428 15.72 -26.52 14.16
CA ALA A 428 16.63 -27.41 13.46
C ALA A 428 17.38 -28.32 14.43
N GLY A 429 17.81 -27.76 15.56
CA GLY A 429 18.50 -28.57 16.55
C GLY A 429 17.61 -29.66 17.14
N LEU A 430 16.35 -29.32 17.43
CA LEU A 430 15.43 -30.32 17.94
C LEU A 430 15.19 -31.43 16.93
N ALA A 431 14.98 -31.07 15.65
CA ALA A 431 14.77 -32.08 14.63
C ALA A 431 15.99 -32.99 14.48
N TYR A 432 17.18 -32.39 14.45
CA TYR A 432 18.40 -33.17 14.32
C TYR A 432 18.59 -34.10 15.52
N GLY A 433 18.36 -33.60 16.73
CA GLY A 433 18.54 -34.42 17.91
C GLY A 433 17.56 -35.58 17.95
N MET A 434 16.29 -35.33 17.62
CA MET A 434 15.31 -36.41 17.59
C MET A 434 15.66 -37.43 16.51
N THR A 435 16.10 -36.97 15.34
CA THR A 435 16.46 -37.89 14.27
C THR A 435 17.61 -38.80 14.68
N VAL A 436 18.67 -38.22 15.25
CA VAL A 436 19.78 -39.04 15.73
C VAL A 436 19.42 -39.82 16.98
N GLY A 437 18.65 -39.24 17.88
CA GLY A 437 18.31 -39.84 19.15
C GLY A 437 18.83 -39.09 20.35
N ASP A 438 19.97 -38.42 20.21
CA ASP A 438 20.54 -37.57 21.24
C ASP A 438 20.33 -36.11 20.85
N VAL A 439 19.64 -35.36 21.72
CA VAL A 439 19.35 -33.97 21.47
C VAL A 439 20.25 -33.04 22.29
N GLY A 440 20.75 -33.49 23.43
CA GLY A 440 21.60 -32.65 24.26
C GLY A 440 22.99 -32.43 23.71
N GLY A 441 23.33 -33.04 22.57
CA GLY A 441 24.62 -32.81 21.96
C GLY A 441 24.56 -31.92 20.74
N LYS A 442 23.54 -32.13 19.90
CA LYS A 442 23.41 -31.38 18.66
C LYS A 442 22.77 -30.01 18.85
N LEU A 443 21.90 -29.87 19.85
CA LEU A 443 21.18 -28.61 20.04
C LEU A 443 22.09 -27.42 20.29
N PRO A 444 23.07 -27.47 21.22
CA PRO A 444 23.93 -26.30 21.40
C PRO A 444 24.71 -25.92 20.16
N THR A 445 25.24 -26.90 19.43
CA THR A 445 26.01 -26.60 18.22
C THR A 445 25.13 -25.98 17.15
N VAL A 446 23.92 -26.49 16.97
CA VAL A 446 23.03 -25.92 15.96
C VAL A 446 22.61 -24.50 16.35
N VAL A 447 22.35 -24.28 17.64
CA VAL A 447 21.98 -22.94 18.07
C VAL A 447 23.13 -21.96 17.87
N GLY A 448 24.36 -22.39 18.17
CA GLY A 448 25.50 -21.52 17.92
C GLY A 448 25.69 -21.24 16.45
N THR A 449 25.48 -22.24 15.59
CA THR A 449 25.56 -22.04 14.16
C THR A 449 24.53 -21.02 13.69
N ALA A 450 23.33 -21.07 14.25
CA ALA A 450 22.32 -20.07 13.90
C ALA A 450 22.69 -18.70 14.43
N ALA A 451 23.30 -18.65 15.61
CA ALA A 451 23.58 -17.36 16.25
C ALA A 451 24.70 -16.61 15.55
N VAL A 452 25.72 -17.32 15.07
CA VAL A 452 26.88 -16.63 14.50
C VAL A 452 26.55 -15.95 13.19
N GLN A 453 25.30 -16.08 12.71
CA GLN A 453 24.89 -15.43 11.48
C GLN A 453 24.32 -14.03 11.70
N LEU A 454 24.14 -13.62 12.95
CA LEU A 454 23.53 -12.33 13.24
C LEU A 454 24.36 -11.13 12.76
N PRO A 455 25.68 -11.07 12.95
CA PRO A 455 26.43 -9.90 12.48
C PRO A 455 26.27 -9.65 10.99
N ALA A 456 26.12 -10.70 10.19
CA ALA A 456 25.91 -10.51 8.76
C ALA A 456 24.49 -10.05 8.46
N VAL A 457 23.51 -10.42 9.24
CA VAL A 457 22.08 -10.12 9.02
C VAL A 457 21.84 -8.69 9.49
N TRP A 458 22.67 -8.17 10.38
CA TRP A 458 22.47 -6.81 10.87
C TRP A 458 23.04 -5.75 9.94
N LEU A 459 23.93 -6.13 9.03
CA LEU A 459 24.04 -5.34 7.81
C LEU A 459 22.73 -5.44 7.05
N LEU A 460 22.56 -4.55 6.08
CA LEU A 460 21.32 -4.44 5.31
C LEU A 460 20.21 -3.89 6.18
N SER A 461 20.49 -3.77 7.47
CA SER A 461 19.80 -2.85 8.38
C SER A 461 20.66 -1.64 8.67
N ALA A 462 21.93 -1.87 9.01
CA ALA A 462 22.88 -0.77 9.10
C ALA A 462 23.00 -0.05 7.76
N VAL A 463 23.06 -0.80 6.66
CA VAL A 463 23.16 -0.18 5.34
C VAL A 463 21.91 0.63 5.01
N THR A 464 20.73 0.06 5.28
CA THR A 464 19.49 0.76 4.99
C THR A 464 19.36 2.03 5.81
N VAL A 465 19.77 1.99 7.08
CA VAL A 465 19.75 3.19 7.90
C VAL A 465 20.76 4.21 7.38
N GLY A 466 21.92 3.75 6.92
CA GLY A 466 22.90 4.66 6.34
C GLY A 466 22.37 5.37 5.11
N LEU A 467 21.62 4.65 4.27
CA LEU A 467 21.02 5.29 3.10
C LEU A 467 19.92 6.27 3.51
N PHE A 468 19.13 5.92 4.53
CA PHE A 468 18.07 6.78 5.03
C PHE A 468 18.69 7.78 5.99
N GLY A 469 19.13 8.91 5.46
CA GLY A 469 19.81 9.89 6.28
C GLY A 469 20.93 10.55 5.50
N LEU A 470 21.25 10.01 4.33
CA LEU A 470 22.21 10.62 3.44
C LEU A 470 21.58 10.81 2.06
N ALA A 471 20.69 9.89 1.69
CA ALA A 471 19.97 9.95 0.43
C ALA A 471 18.68 9.13 0.55
N PRO A 472 17.62 9.71 1.11
CA PRO A 472 16.42 8.92 1.37
C PRO A 472 15.81 8.30 0.14
N ARG A 473 15.79 9.04 -0.98
CA ARG A 473 15.14 8.54 -2.19
C ARG A 473 15.79 7.27 -2.68
N PHE A 474 17.10 7.13 -2.52
CA PHE A 474 17.78 5.87 -2.81
C PHE A 474 17.85 4.98 -1.58
N THR A 475 16.72 4.81 -0.91
CA THR A 475 16.60 3.82 0.16
C THR A 475 16.28 2.44 -0.40
N PRO A 476 15.34 2.29 -1.35
CA PRO A 476 15.01 0.94 -1.84
C PRO A 476 16.15 0.23 -2.54
N VAL A 477 17.20 0.93 -2.97
CA VAL A 477 18.33 0.26 -3.59
C VAL A 477 19.03 -0.68 -2.61
N ALA A 478 18.69 -0.62 -1.32
CA ALA A 478 19.17 -1.60 -0.36
C ALA A 478 18.74 -3.00 -0.72
N TRP A 479 17.65 -3.15 -1.48
CA TRP A 479 17.34 -4.45 -2.05
C TRP A 479 18.42 -4.88 -3.03
N GLY A 480 18.78 -3.99 -3.96
CA GLY A 480 19.78 -4.32 -4.95
C GLY A 480 21.12 -4.66 -4.36
N VAL A 481 21.44 -4.10 -3.19
CA VAL A 481 22.66 -4.50 -2.49
C VAL A 481 22.55 -5.94 -2.01
N LEU A 482 21.42 -6.29 -1.39
CA LEU A 482 21.26 -7.65 -0.85
C LEU A 482 21.42 -8.69 -1.94
N VAL A 483 20.67 -8.55 -3.04
CA VAL A 483 20.84 -9.45 -4.17
C VAL A 483 22.29 -9.42 -4.65
N GLY A 484 22.88 -8.23 -4.70
CA GLY A 484 24.25 -8.11 -5.12
C GLY A 484 25.20 -8.92 -4.26
N PHE A 485 24.89 -9.07 -2.97
CA PHE A 485 25.71 -9.95 -2.14
C PHE A 485 25.49 -11.41 -2.51
N ILE A 486 24.23 -11.81 -2.70
CA ILE A 486 23.93 -13.22 -2.93
C ILE A 486 24.64 -13.72 -4.18
N ALA A 487 24.59 -12.92 -5.25
CA ALA A 487 25.24 -13.31 -6.49
C ALA A 487 26.74 -13.49 -6.32
N LEU A 488 27.35 -12.76 -5.37
CA LEU A 488 28.77 -12.98 -5.12
C LEU A 488 29.03 -14.25 -4.35
N TYR A 489 28.09 -14.69 -3.52
CA TYR A 489 28.28 -15.95 -2.79
C TYR A 489 28.22 -17.14 -3.74
N LEU A 490 27.21 -17.18 -4.59
CA LEU A 490 27.04 -18.32 -5.49
C LEU A 490 28.02 -18.24 -6.66
N LEU A 491 27.87 -17.22 -7.50
CA LEU A 491 28.63 -17.09 -8.73
C LEU A 491 30.09 -16.80 -8.53
N GLY A 492 30.51 -16.69 -7.28
CA GLY A 492 31.92 -16.60 -6.95
C GLY A 492 32.51 -17.89 -6.44
N SER A 493 31.69 -18.73 -5.80
CA SER A 493 32.14 -20.02 -5.31
C SER A 493 31.74 -21.17 -6.22
N LEU A 494 30.75 -20.96 -7.09
CA LEU A 494 30.36 -21.94 -8.10
C LEU A 494 31.10 -21.74 -9.41
N ALA A 495 31.88 -20.67 -9.53
CA ALA A 495 32.55 -20.34 -10.79
C ALA A 495 33.91 -19.72 -10.44
N GLY A 496 34.52 -19.05 -11.42
CA GLY A 496 35.83 -18.49 -11.22
C GLY A 496 35.84 -17.37 -10.19
N PHE A 497 37.00 -17.17 -9.57
CA PHE A 497 37.12 -16.21 -8.49
C PHE A 497 38.56 -15.73 -8.37
N PRO A 498 38.78 -14.45 -8.09
CA PRO A 498 40.12 -13.97 -7.73
C PRO A 498 40.38 -13.94 -6.23
N GLN A 499 39.40 -14.31 -5.42
CA GLN A 499 39.48 -14.38 -3.96
C GLN A 499 39.51 -13.00 -3.33
N MET A 500 39.64 -11.96 -4.16
CA MET A 500 39.53 -10.58 -3.70
C MET A 500 38.17 -9.98 -3.99
N LEU A 501 37.50 -10.44 -5.05
CA LEU A 501 36.12 -10.04 -5.31
C LEU A 501 35.13 -10.78 -4.43
N LEU A 502 35.54 -11.91 -3.84
CA LEU A 502 34.66 -12.67 -2.96
C LEU A 502 34.76 -12.22 -1.50
N ASN A 503 35.71 -11.36 -1.16
CA ASN A 503 35.84 -10.82 0.18
C ASN A 503 35.03 -9.54 0.36
N LEU A 504 34.04 -9.30 -0.49
CA LEU A 504 33.17 -8.14 -0.41
C LEU A 504 31.73 -8.55 -0.10
N GLU A 505 31.57 -9.49 0.82
CA GLU A 505 30.27 -9.93 1.27
C GLU A 505 30.39 -10.44 2.70
N PRO A 506 29.35 -10.27 3.52
CA PRO A 506 29.48 -10.66 4.92
C PRO A 506 29.21 -12.13 5.20
N PHE A 507 28.54 -12.85 4.30
CA PHE A 507 28.18 -14.23 4.56
C PHE A 507 29.34 -15.20 4.38
N ALA A 508 30.39 -14.80 3.66
CA ALA A 508 31.54 -15.68 3.46
C ALA A 508 32.43 -15.73 4.69
N HIS A 509 32.44 -14.67 5.50
CA HIS A 509 33.37 -14.54 6.61
C HIS A 509 32.83 -15.12 7.91
N ILE A 510 31.63 -15.69 7.91
CA ILE A 510 31.05 -16.24 9.12
C ILE A 510 31.82 -17.48 9.55
N PRO A 511 32.39 -17.51 10.75
CA PRO A 511 33.12 -18.70 11.20
C PRO A 511 32.17 -19.85 11.45
N ARG A 512 32.75 -20.98 11.83
CA ARG A 512 32.01 -22.23 11.97
C ARG A 512 32.14 -22.76 13.38
N VAL A 513 30.99 -23.08 13.98
CA VAL A 513 30.93 -23.58 15.35
C VAL A 513 31.03 -25.10 15.32
N GLY A 514 31.66 -25.66 16.34
CA GLY A 514 31.83 -27.10 16.40
C GLY A 514 33.16 -27.55 15.81
N GLY A 515 33.97 -28.23 16.61
CA GLY A 515 35.29 -28.63 16.17
C GLY A 515 36.31 -27.53 16.36
N GLY A 516 37.29 -27.47 15.47
CA GLY A 516 38.35 -26.47 15.54
C GLY A 516 38.17 -25.34 14.55
N ASP A 517 39.18 -24.48 14.50
CA ASP A 517 39.25 -23.37 13.56
C ASP A 517 38.06 -22.41 13.72
N PHE A 518 37.67 -22.14 14.96
CA PHE A 518 36.76 -21.05 15.28
C PHE A 518 37.59 -19.87 15.75
N THR A 519 37.43 -18.73 15.07
CA THR A 519 38.33 -17.60 15.26
C THR A 519 37.70 -16.40 15.95
N ALA A 520 36.41 -16.11 15.70
CA ALA A 520 35.65 -15.04 16.33
C ALA A 520 36.16 -13.65 16.03
N VAL A 521 37.13 -13.51 15.13
CA VAL A 521 37.64 -12.20 14.72
C VAL A 521 36.72 -11.55 13.69
N PRO A 522 36.28 -12.25 12.64
CA PRO A 522 35.37 -11.60 11.67
C PRO A 522 34.07 -11.10 12.30
N LEU A 523 33.61 -11.73 13.37
CA LEU A 523 32.41 -11.25 14.05
C LEU A 523 32.61 -9.84 14.58
N LEU A 524 33.79 -9.56 15.15
CA LEU A 524 34.09 -8.22 15.64
C LEU A 524 34.16 -7.21 14.50
N TRP A 525 34.79 -7.60 13.38
CA TRP A 525 34.89 -6.70 12.24
C TRP A 525 33.54 -6.42 11.60
N LEU A 526 32.58 -7.34 11.75
CA LEU A 526 31.24 -7.06 11.24
C LEU A 526 30.41 -6.24 12.23
N LEU A 527 30.57 -6.50 13.53
CA LEU A 527 29.85 -5.70 14.52
C LEU A 527 30.31 -4.26 14.49
N ALA A 528 31.61 -4.02 14.33
CA ALA A 528 32.11 -2.65 14.23
C ALA A 528 31.55 -1.91 13.02
N ILE A 529 31.49 -2.58 11.86
CA ILE A 529 30.91 -1.97 10.67
C ILE A 529 29.43 -1.69 10.88
N ASP A 530 28.70 -2.61 11.50
CA ASP A 530 27.29 -2.37 11.80
C ASP A 530 27.13 -1.13 12.66
N ALA A 531 27.87 -1.05 13.76
CA ALA A 531 27.76 0.09 14.67
C ALA A 531 28.14 1.40 13.99
N ALA A 532 29.22 1.41 13.21
CA ALA A 532 29.62 2.63 12.51
C ALA A 532 28.59 3.07 11.48
N LEU A 533 28.07 2.14 10.68
CA LEU A 533 27.07 2.54 9.69
C LEU A 533 25.81 3.07 10.36
N ILE A 534 25.37 2.45 11.45
CA ILE A 534 24.20 2.94 12.15
C ILE A 534 24.47 4.32 12.75
N THR A 535 25.66 4.53 13.32
CA THR A 535 25.98 5.81 13.91
C THR A 535 26.00 6.93 12.88
N LEU A 536 26.63 6.69 11.72
CA LEU A 536 26.59 7.70 10.67
C LEU A 536 25.18 7.92 10.13
N GLY A 537 24.39 6.85 9.94
CA GLY A 537 23.04 7.03 9.46
C GLY A 537 22.13 7.75 10.42
N ALA A 538 22.43 7.70 11.73
CA ALA A 538 21.65 8.44 12.71
C ALA A 538 22.16 9.87 12.89
N MET A 539 23.47 10.08 12.80
CA MET A 539 24.01 11.43 12.93
C MET A 539 23.69 12.28 11.72
N ALA A 540 23.65 11.68 10.53
CA ALA A 540 23.37 12.42 9.30
C ALA A 540 21.89 12.66 9.08
N PHE A 541 21.02 12.08 9.91
CA PHE A 541 19.58 12.26 9.80
C PHE A 541 19.05 13.36 10.70
N ARG A 542 19.70 13.62 11.83
CA ARG A 542 19.25 14.67 12.73
C ARG A 542 19.76 16.05 12.33
N ARG A 543 20.41 16.16 11.18
CA ARG A 543 20.75 17.43 10.56
C ARG A 543 20.28 17.44 9.12
N ARG A 544 19.12 16.84 8.86
CA ARG A 544 18.63 16.61 7.51
C ARG A 544 17.22 17.18 7.45
N ASP A 545 16.93 17.94 6.39
CA ASP A 545 15.57 18.48 6.24
C ASP A 545 14.60 17.36 5.89
N VAL A 546 13.55 17.21 6.71
CA VAL A 546 12.57 16.15 6.47
C VAL A 546 11.91 16.42 5.12
N ARG A 547 12.24 15.61 4.12
CA ARG A 547 11.87 15.86 2.73
C ARG A 547 10.50 15.25 2.46
N CYS A 548 9.50 16.11 2.28
CA CYS A 548 8.16 15.67 1.89
C CYS A 548 7.47 16.72 1.04
N VAL B 1 5.11 37.40 22.90
CA VAL B 1 5.03 37.26 21.45
C VAL B 1 5.32 35.81 21.07
N PRO B 2 4.25 35.02 20.89
CA PRO B 2 4.45 33.61 20.54
C PRO B 2 5.25 33.39 19.26
N ILE B 3 5.04 34.20 18.23
CA ILE B 3 5.73 34.05 16.96
C ILE B 3 6.25 35.41 16.51
N GLU B 4 7.52 35.46 16.13
CA GLU B 4 8.14 36.70 15.66
C GLU B 4 9.23 36.31 14.65
N ILE B 5 8.88 36.41 13.37
CA ILE B 5 9.80 36.16 12.27
C ILE B 5 10.00 37.47 11.52
N ARG B 6 11.25 37.84 11.27
CA ARG B 6 11.51 38.94 10.35
C ARG B 6 12.89 38.75 9.75
N GLY B 7 12.92 38.59 8.42
CA GLY B 7 14.15 38.37 7.68
C GLY B 7 14.30 36.94 7.18
N LEU B 8 13.29 36.10 7.29
CA LEU B 8 13.44 34.69 6.95
C LEU B 8 13.79 34.51 5.48
N THR B 9 14.74 33.61 5.21
CA THR B 9 15.20 33.31 3.86
C THR B 9 15.47 31.82 3.76
N LYS B 10 15.14 31.25 2.61
CA LYS B 10 15.49 29.85 2.35
C LYS B 10 15.40 29.55 0.87
N HIS B 11 16.45 28.92 0.35
CA HIS B 11 16.52 28.37 -0.99
C HIS B 11 16.61 26.85 -0.89
N PHE B 12 15.74 26.17 -1.60
CA PHE B 12 15.66 24.70 -1.45
C PHE B 12 16.59 23.97 -2.39
N GLY B 13 16.37 24.13 -3.69
CA GLY B 13 17.31 23.52 -4.63
C GLY B 13 18.60 24.28 -4.56
N SER B 14 18.49 25.51 -4.09
CA SER B 14 19.44 26.60 -4.30
C SER B 14 19.32 27.03 -5.75
N VAL B 15 18.12 26.81 -6.29
CA VAL B 15 17.57 27.49 -7.50
C VAL B 15 16.13 27.91 -7.31
N ARG B 16 15.54 27.62 -6.14
CA ARG B 16 14.11 27.94 -5.91
C ARG B 16 14.00 28.82 -4.67
N ALA B 17 14.18 30.14 -4.80
CA ALA B 17 14.04 30.91 -3.55
C ALA B 17 12.59 30.85 -3.12
N LEU B 18 12.25 30.02 -2.15
CA LEU B 18 10.92 29.96 -1.55
C LEU B 18 10.80 31.16 -0.64
N ASP B 19 11.82 31.44 0.17
CA ASP B 19 11.65 32.49 1.17
C ASP B 19 12.71 33.55 0.95
N GLY B 20 12.27 34.79 0.79
CA GLY B 20 13.15 35.93 0.93
C GLY B 20 12.43 37.05 1.66
N LEU B 21 12.96 37.47 2.80
CA LEU B 21 12.44 38.61 3.57
C LEU B 21 10.97 38.40 3.95
N ASP B 22 10.75 37.39 4.79
CA ASP B 22 9.43 37.10 5.33
C ASP B 22 9.28 37.71 6.72
N LEU B 23 8.07 38.16 7.04
CA LEU B 23 7.77 38.79 8.32
C LEU B 23 6.44 38.29 8.86
N THR B 24 6.35 38.20 10.19
CA THR B 24 5.15 37.74 10.90
C THR B 24 5.33 38.02 12.38
N VAL B 25 4.28 38.54 13.02
CA VAL B 25 4.28 38.78 14.46
C VAL B 25 2.91 38.44 15.03
N ARG B 26 2.81 37.63 16.07
CA ARG B 26 1.53 37.18 16.68
C ARG B 26 1.64 37.48 18.18
N GLU B 27 0.56 37.77 18.88
CA GLU B 27 0.65 38.23 20.28
C GLU B 27 -0.35 37.59 21.26
N GLY B 28 -1.20 36.66 20.84
CA GLY B 28 -2.23 36.13 21.69
C GLY B 28 -3.61 36.12 21.03
N GLU B 29 -3.61 36.30 19.71
CA GLU B 29 -4.83 36.49 18.94
C GLU B 29 -5.05 35.40 17.89
N VAL B 30 -6.00 35.62 16.99
CA VAL B 30 -6.18 34.77 15.82
C VAL B 30 -5.64 35.52 14.61
N HIS B 31 -4.74 34.89 13.87
CA HIS B 31 -4.01 35.53 12.78
C HIS B 31 -4.27 34.77 11.49
N GLY B 32 -4.57 35.51 10.43
CA GLY B 32 -4.77 34.92 9.11
C GLY B 32 -3.50 35.00 8.27
N PHE B 33 -3.20 33.91 7.60
CA PHE B 33 -1.94 33.76 6.85
C PHE B 33 -2.30 33.38 5.42
N LEU B 34 -2.33 34.37 4.53
CA LEU B 34 -2.90 34.20 3.20
C LEU B 34 -1.82 34.28 2.12
N GLY B 35 -2.04 33.50 1.06
CA GLY B 35 -1.16 33.46 -0.08
C GLY B 35 -1.43 32.25 -0.94
N PRO B 36 -0.84 32.22 -2.14
CA PRO B 36 -1.02 31.06 -3.01
C PRO B 36 -0.29 29.83 -2.49
N ASN B 37 -0.34 28.72 -3.25
CA ASN B 37 0.23 27.47 -2.77
C ASN B 37 1.75 27.49 -2.80
N GLY B 38 2.34 28.11 -3.82
CA GLY B 38 3.79 28.15 -3.94
C GLY B 38 4.46 29.34 -3.28
N ALA B 39 3.73 30.12 -2.48
CA ALA B 39 4.27 31.34 -1.91
C ALA B 39 5.13 31.12 -0.68
N GLY B 40 5.12 29.93 -0.10
CA GLY B 40 5.95 29.62 1.04
C GLY B 40 5.27 29.61 2.39
N LYS B 41 3.97 29.35 2.45
CA LYS B 41 3.32 29.18 3.74
C LYS B 41 3.65 27.82 4.35
N SER B 42 3.66 26.77 3.52
CA SER B 42 4.03 25.46 4.01
C SER B 42 5.46 25.43 4.51
N THR B 43 6.37 26.10 3.79
CA THR B 43 7.75 26.18 4.25
C THR B 43 7.86 26.92 5.57
N THR B 44 7.07 27.97 5.76
CA THR B 44 7.13 28.71 7.02
C THR B 44 6.60 27.87 8.18
N LEU B 45 5.48 27.18 7.99
CA LEU B 45 4.99 26.28 9.04
C LEU B 45 5.98 25.16 9.31
N ARG B 46 6.69 24.65 8.32
CA ARG B 46 7.63 23.52 8.48
C ARG B 46 8.94 24.02 9.04
N ILE B 47 9.20 25.30 8.94
CA ILE B 47 10.37 25.85 9.63
C ILE B 47 10.04 26.16 11.09
N LEU B 48 8.80 26.58 11.36
CA LEU B 48 8.38 26.83 12.74
C LEU B 48 8.47 25.56 13.56
N LEU B 49 8.03 24.44 13.01
CA LEU B 49 8.41 23.14 13.56
C LEU B 49 9.85 22.83 13.17
N GLY B 50 10.49 21.96 13.93
CA GLY B 50 11.89 21.70 13.70
C GLY B 50 12.22 21.01 12.38
N LEU B 51 11.19 20.72 11.58
CA LEU B 51 11.39 19.93 10.37
C LEU B 51 12.40 20.43 9.34
N VAL B 52 12.53 21.74 9.18
CA VAL B 52 13.37 22.33 8.14
C VAL B 52 14.18 23.46 8.76
N LYS B 53 15.42 23.61 8.31
CA LYS B 53 16.33 24.63 8.83
C LYS B 53 16.38 25.82 7.86
N ALA B 54 16.46 27.01 8.43
CA ALA B 54 16.45 28.25 7.64
C ALA B 54 17.85 28.68 7.28
N ASP B 55 17.97 29.41 6.17
CA ASP B 55 19.25 29.92 5.72
C ASP B 55 19.60 31.27 6.33
N GLY B 56 18.61 32.06 6.74
CA GLY B 56 18.88 33.36 7.30
C GLY B 56 17.68 33.88 8.07
N GLY B 57 17.87 35.04 8.67
CA GLY B 57 16.81 35.69 9.40
C GLY B 57 16.62 35.12 10.80
N SER B 58 15.71 35.76 11.53
CA SER B 58 15.42 35.38 12.91
C SER B 58 14.05 34.71 12.98
N VAL B 59 13.98 33.56 13.64
CA VAL B 59 12.73 32.88 13.92
C VAL B 59 12.67 32.69 15.42
N ARG B 60 11.55 33.04 16.03
CA ARG B 60 11.44 33.13 17.48
C ARG B 60 10.11 32.53 17.91
N LEU B 61 10.11 31.23 18.21
CA LEU B 61 8.90 30.53 18.61
C LEU B 61 8.85 30.40 20.12
N LEU B 62 7.93 31.13 20.75
CA LEU B 62 7.70 31.06 22.20
C LEU B 62 8.99 31.33 22.98
N GLY B 63 9.79 32.26 22.49
CA GLY B 63 11.03 32.58 23.18
C GLY B 63 12.25 31.83 22.67
N GLY B 64 12.14 30.51 22.54
CA GLY B 64 13.25 29.73 22.04
C GLY B 64 13.28 29.68 20.53
N ASP B 65 14.34 29.04 19.99
CA ASP B 65 14.32 28.92 18.55
C ASP B 65 13.85 27.53 18.13
N PRO B 66 13.26 27.40 16.94
CA PRO B 66 12.60 26.14 16.59
C PRO B 66 13.53 24.98 16.32
N TRP B 67 14.79 25.23 15.95
CA TRP B 67 15.64 24.13 15.51
C TRP B 67 16.19 23.34 16.69
N THR B 68 16.94 24.02 17.58
CA THR B 68 17.54 23.32 18.71
C THR B 68 16.49 22.93 19.75
N ASP B 69 15.60 23.86 20.09
CA ASP B 69 14.57 23.61 21.10
C ASP B 69 13.29 23.06 20.49
N ALA B 70 13.41 22.00 19.71
CA ALA B 70 12.24 21.46 19.01
C ALA B 70 11.48 20.42 19.81
N VAL B 71 12.01 20.01 20.96
CA VAL B 71 11.35 19.03 21.80
C VAL B 71 10.72 19.66 23.03
N ASP B 72 11.38 20.67 23.60
CA ASP B 72 10.84 21.34 24.77
C ASP B 72 9.69 22.28 24.40
N LEU B 73 9.72 22.85 23.19
CA LEU B 73 8.71 23.80 22.77
C LEU B 73 7.47 23.15 22.18
N HIS B 74 7.54 21.88 21.80
CA HIS B 74 6.44 21.21 21.11
C HIS B 74 5.37 20.70 22.06
N ARG B 75 5.55 20.85 23.36
CA ARG B 75 4.55 20.40 24.32
C ARG B 75 3.68 21.54 24.82
N HIS B 76 3.74 22.70 24.17
CA HIS B 76 2.74 23.75 24.35
C HIS B 76 2.10 24.08 23.01
N ILE B 77 2.16 23.16 22.05
CA ILE B 77 1.81 23.44 20.67
C ILE B 77 0.96 22.30 20.12
N ALA B 78 -0.07 22.65 19.35
CA ALA B 78 -0.84 21.66 18.60
C ALA B 78 -0.78 22.02 17.12
N TYR B 79 -0.91 21.00 16.27
CA TYR B 79 -0.70 21.19 14.83
C TYR B 79 -1.73 20.38 14.05
N VAL B 80 -2.31 21.00 13.03
CA VAL B 80 -3.25 20.30 12.16
C VAL B 80 -2.68 20.28 10.74
N PRO B 81 -2.31 19.12 10.21
CA PRO B 81 -1.65 19.07 8.90
C PRO B 81 -2.60 19.46 7.77
N GLY B 82 -1.99 19.95 6.68
CA GLY B 82 -2.77 20.27 5.50
C GLY B 82 -3.34 19.04 4.82
N ASP B 83 -2.57 17.96 4.76
CA ASP B 83 -2.99 16.71 4.14
C ASP B 83 -3.05 15.66 5.25
N VAL B 84 -4.24 15.43 5.78
CA VAL B 84 -4.43 14.54 6.92
C VAL B 84 -4.43 13.10 6.42
N THR B 85 -3.43 12.32 6.86
CA THR B 85 -3.38 10.89 6.59
C THR B 85 -3.17 10.16 7.91
N LEU B 86 -3.87 9.05 8.09
CA LEU B 86 -3.91 8.33 9.34
C LEU B 86 -3.47 6.89 9.16
N TRP B 87 -3.23 6.22 10.27
CA TRP B 87 -2.85 4.81 10.25
C TRP B 87 -4.09 3.95 10.02
N PRO B 88 -4.09 3.09 9.00
CA PRO B 88 -5.32 2.39 8.62
C PRO B 88 -5.81 1.38 9.65
N SER B 89 -4.94 0.84 10.49
CA SER B 89 -5.31 -0.24 11.39
C SER B 89 -5.80 0.25 12.75
N LEU B 90 -5.74 1.56 13.01
CA LEU B 90 -6.13 2.11 14.29
C LEU B 90 -7.50 2.76 14.20
N THR B 91 -8.26 2.68 15.29
CA THR B 91 -9.57 3.31 15.32
C THR B 91 -9.42 4.81 15.55
N GLY B 92 -10.55 5.52 15.51
CA GLY B 92 -10.51 6.96 15.75
C GLY B 92 -10.11 7.32 17.16
N GLY B 93 -10.68 6.63 18.15
CA GLY B 93 -10.33 6.91 19.53
C GLY B 93 -8.89 6.57 19.84
N GLU B 94 -8.38 5.47 19.28
CA GLU B 94 -6.98 5.11 19.48
C GLU B 94 -6.06 6.18 18.92
N THR B 95 -6.34 6.66 17.72
CA THR B 95 -5.52 7.71 17.12
C THR B 95 -5.59 8.99 17.94
N ILE B 96 -6.79 9.37 18.39
CA ILE B 96 -6.95 10.59 19.18
C ILE B 96 -6.13 10.50 20.46
N ASP B 97 -6.25 9.38 21.18
CA ASP B 97 -5.52 9.23 22.43
C ASP B 97 -4.02 9.20 22.21
N LEU B 98 -3.57 8.43 21.20
CA LEU B 98 -2.14 8.36 20.90
C LEU B 98 -1.57 9.74 20.61
N LEU B 99 -2.19 10.47 19.69
CA LEU B 99 -1.68 11.79 19.35
C LEU B 99 -1.73 12.73 20.54
N ALA B 100 -2.80 12.66 21.34
CA ALA B 100 -2.93 13.57 22.46
C ALA B 100 -1.88 13.32 23.53
N ARG B 101 -1.51 12.08 23.78
CA ARG B 101 -0.45 11.81 24.74
C ARG B 101 0.88 11.50 24.05
N MET B 102 1.20 12.30 23.06
CA MET B 102 2.58 12.31 22.51
C MET B 102 2.89 13.79 22.48
N ARG B 103 1.94 14.60 22.99
CA ARG B 103 2.20 16.03 22.94
C ARG B 103 1.86 16.75 24.25
N GLY B 104 1.75 16.04 25.37
CA GLY B 104 1.52 16.72 26.63
C GLY B 104 0.11 16.63 27.18
N GLY B 105 -0.50 15.44 27.10
CA GLY B 105 -1.76 15.19 27.77
C GLY B 105 -2.98 15.61 26.97
N ILE B 106 -4.14 15.19 27.48
CA ILE B 106 -5.43 15.45 26.88
C ILE B 106 -6.39 15.91 27.96
N ASP B 107 -7.47 16.57 27.55
CA ASP B 107 -8.56 16.97 28.43
C ASP B 107 -9.76 16.09 28.08
N ASN B 108 -10.11 15.18 28.99
CA ASN B 108 -11.17 14.22 28.69
C ASN B 108 -12.54 14.90 28.66
N ALA B 109 -12.76 15.89 29.53
CA ALA B 109 -14.04 16.58 29.55
C ALA B 109 -14.32 17.29 28.23
N ARG B 110 -13.31 17.95 27.67
CA ARG B 110 -13.47 18.58 26.37
C ARG B 110 -13.53 17.56 25.24
N ARG B 111 -12.77 16.47 25.36
CA ARG B 111 -12.76 15.44 24.33
C ARG B 111 -14.13 14.79 24.16
N ALA B 112 -14.81 14.52 25.28
CA ALA B 112 -16.11 13.87 25.20
C ALA B 112 -17.12 14.74 24.46
N GLU B 113 -17.20 16.02 24.80
CA GLU B 113 -18.16 16.90 24.14
C GLU B 113 -17.76 17.18 22.70
N LEU B 114 -16.46 17.25 22.39
CA LEU B 114 -16.04 17.44 21.02
C LEU B 114 -16.45 16.24 20.16
N ILE B 115 -16.26 15.03 20.67
CA ILE B 115 -16.71 13.84 19.94
C ILE B 115 -18.23 13.85 19.82
N GLU B 116 -18.92 14.33 20.85
CA GLU B 116 -20.38 14.34 20.82
C GLU B 116 -20.92 15.27 19.73
N ARG B 117 -20.32 16.46 19.58
CA ARG B 117 -20.90 17.43 18.65
C ARG B 117 -20.25 17.48 17.28
N PHE B 118 -19.04 16.96 17.10
CA PHE B 118 -18.61 16.69 15.73
C PHE B 118 -19.24 15.42 15.16
N GLY B 119 -19.93 14.63 15.97
CA GLY B 119 -20.60 13.45 15.48
C GLY B 119 -19.66 12.40 14.93
N LEU B 120 -18.59 12.12 15.66
CA LEU B 120 -17.62 11.11 15.25
C LEU B 120 -17.92 9.78 15.94
N ASP B 121 -17.56 8.69 15.27
CA ASP B 121 -17.70 7.36 15.84
C ASP B 121 -16.31 6.80 16.13
N PRO B 122 -15.84 6.87 17.38
CA PRO B 122 -14.46 6.48 17.67
C PRO B 122 -14.29 4.99 17.88
N THR B 123 -14.89 4.18 17.01
CA THR B 123 -14.71 2.73 17.04
C THR B 123 -14.43 2.13 15.68
N LYS B 124 -14.82 2.79 14.59
CA LYS B 124 -14.45 2.31 13.27
C LYS B 124 -12.96 2.51 13.04
N LYS B 125 -12.37 1.59 12.29
CA LYS B 125 -10.96 1.73 11.93
C LYS B 125 -10.78 2.91 10.99
N ALA B 126 -9.63 3.57 11.10
CA ALA B 126 -9.37 4.77 10.30
C ALA B 126 -9.34 4.47 8.81
N ARG B 127 -9.22 3.20 8.44
CA ARG B 127 -9.28 2.82 7.03
C ARG B 127 -10.66 3.08 6.42
N THR B 128 -11.71 2.99 7.24
CA THR B 128 -13.08 3.12 6.75
C THR B 128 -13.59 4.55 6.77
N TYR B 129 -12.84 5.49 7.34
CA TYR B 129 -13.32 6.85 7.48
C TYR B 129 -13.37 7.56 6.13
N SER B 130 -14.37 8.41 5.95
CA SER B 130 -14.50 9.19 4.73
C SER B 130 -13.64 10.44 4.82
N LYS B 131 -13.76 11.29 3.80
CA LYS B 131 -12.96 12.52 3.77
C LYS B 131 -13.36 13.45 4.91
N GLY B 132 -14.65 13.59 5.18
CA GLY B 132 -15.09 14.47 6.25
C GLY B 132 -14.72 13.94 7.63
N ASN B 133 -14.82 12.64 7.83
CA ASN B 133 -14.55 12.05 9.13
C ASN B 133 -13.06 11.93 9.45
N ARG B 134 -12.20 11.99 8.42
CA ARG B 134 -10.77 11.98 8.67
C ARG B 134 -10.29 13.30 9.26
N GLN B 135 -10.90 14.41 8.83
CA GLN B 135 -10.52 15.71 9.36
C GLN B 135 -10.97 15.89 10.81
N LYS B 136 -12.10 15.27 11.18
CA LYS B 136 -12.60 15.39 12.54
C LYS B 136 -11.64 14.80 13.55
N VAL B 137 -10.92 13.73 13.17
CA VAL B 137 -9.98 13.12 14.10
C VAL B 137 -8.87 14.11 14.45
N SER B 138 -8.28 14.74 13.44
CA SER B 138 -7.24 15.74 13.69
C SER B 138 -7.78 16.93 14.46
N LEU B 139 -8.99 17.39 14.11
CA LEU B 139 -9.54 18.56 14.80
C LEU B 139 -9.81 18.26 16.26
N ILE B 140 -10.35 17.07 16.57
CA ILE B 140 -10.63 16.72 17.95
C ILE B 140 -9.33 16.52 18.72
N SER B 141 -8.33 15.91 18.08
CA SER B 141 -7.06 15.69 18.76
C SER B 141 -6.34 17.01 19.06
N ALA B 142 -6.49 18.01 18.20
CA ALA B 142 -5.83 19.29 18.41
C ALA B 142 -6.60 20.21 19.33
N LEU B 143 -7.92 20.23 19.26
CA LEU B 143 -8.72 21.15 20.06
C LEU B 143 -8.94 20.68 21.49
N SER B 144 -8.57 19.43 21.81
CA SER B 144 -8.67 18.90 23.16
C SER B 144 -7.26 18.51 23.60
N SER B 145 -6.49 19.51 24.02
CA SER B 145 -5.07 19.32 24.32
C SER B 145 -4.51 20.53 25.06
N HIS B 146 -3.61 20.41 26.05
CA HIS B 146 -2.96 21.58 26.61
C HIS B 146 -2.07 22.17 25.53
N ALA B 147 -2.49 23.30 24.98
CA ALA B 147 -1.73 23.95 23.92
C ALA B 147 -2.01 25.44 24.01
N THR B 148 -0.96 26.23 24.19
CA THR B 148 -1.06 27.68 24.16
C THR B 148 -0.85 28.23 22.76
N LEU B 149 -0.72 27.37 21.76
CA LEU B 149 -0.52 27.81 20.39
C LEU B 149 -0.99 26.70 19.45
N LEU B 150 -1.92 27.04 18.56
CA LEU B 150 -2.45 26.11 17.57
C LEU B 150 -1.98 26.55 16.18
N LEU B 151 -1.36 25.63 15.46
CA LEU B 151 -0.93 25.85 14.08
C LEU B 151 -1.86 25.04 13.20
N LEU B 152 -2.92 25.67 12.72
CA LEU B 152 -3.84 25.04 11.79
C LEU B 152 -3.40 25.33 10.37
N ASP B 153 -3.69 24.38 9.48
CA ASP B 153 -3.31 24.51 8.07
C ASP B 153 -4.43 23.87 7.26
N GLU B 154 -5.29 24.71 6.68
CA GLU B 154 -6.54 24.26 6.07
C GLU B 154 -7.34 23.42 7.06
N PRO B 155 -7.73 23.99 8.20
CA PRO B 155 -8.34 23.17 9.25
C PRO B 155 -9.65 22.52 8.86
N SER B 156 -10.45 23.17 8.03
CA SER B 156 -11.77 22.65 7.64
C SER B 156 -11.75 22.33 6.15
N SER B 157 -11.31 21.12 5.83
CA SER B 157 -11.25 20.64 4.46
C SER B 157 -12.07 19.36 4.40
N GLY B 158 -13.20 19.40 3.69
CA GLY B 158 -14.11 18.29 3.64
C GLY B 158 -15.25 18.36 4.63
N LEU B 159 -15.44 19.49 5.31
CA LEU B 159 -16.45 19.65 6.34
C LEU B 159 -17.65 20.40 5.78
N ASP B 160 -18.85 19.86 5.99
CA ASP B 160 -20.07 20.51 5.57
C ASP B 160 -20.31 21.78 6.39
N PRO B 161 -21.16 22.68 5.92
CA PRO B 161 -21.30 23.98 6.60
C PRO B 161 -21.68 23.89 8.06
N LEU B 162 -22.41 22.84 8.48
CA LEU B 162 -22.75 22.71 9.89
C LEU B 162 -21.51 22.45 10.74
N MET B 163 -20.65 21.54 10.30
CA MET B 163 -19.41 21.29 11.04
C MET B 163 -18.45 22.47 10.91
N GLU B 164 -18.53 23.21 9.81
CA GLU B 164 -17.79 24.47 9.70
C GLU B 164 -18.22 25.44 10.79
N ASN B 165 -19.54 25.57 11.00
CA ASN B 165 -20.03 26.47 12.05
C ASN B 165 -19.60 25.99 13.43
N VAL B 166 -19.66 24.67 13.65
CA VAL B 166 -19.25 24.14 14.95
C VAL B 166 -17.76 24.40 15.19
N PHE B 167 -16.93 24.22 14.17
CA PHE B 167 -15.51 24.49 14.29
C PHE B 167 -15.24 25.96 14.57
N GLN B 168 -15.97 26.85 13.90
CA GLN B 168 -15.81 28.28 14.16
C GLN B 168 -16.18 28.62 15.60
N GLN B 169 -17.27 28.04 16.10
CA GLN B 169 -17.67 28.31 17.47
C GLN B 169 -16.65 27.75 18.47
N CYS B 170 -16.07 26.60 18.16
CA CYS B 170 -15.02 26.05 19.03
C CYS B 170 -13.79 26.94 19.06
N ILE B 171 -13.39 27.47 17.90
CA ILE B 171 -12.26 28.40 17.88
C ILE B 171 -12.58 29.66 18.66
N GLY B 172 -13.81 30.15 18.55
CA GLY B 172 -14.22 31.31 19.33
C GLY B 172 -14.17 31.04 20.82
N GLU B 173 -14.58 29.85 21.24
CA GLU B 173 -14.48 29.48 22.65
C GLU B 173 -13.03 29.40 23.10
N ALA B 174 -12.16 28.84 22.26
CA ALA B 174 -10.76 28.69 22.63
C ALA B 174 -10.07 30.04 22.73
N ARG B 175 -10.45 31.00 21.88
CA ARG B 175 -9.75 32.28 21.82
C ARG B 175 -9.81 33.05 23.13
N GLN B 176 -10.80 32.82 23.97
CA GLN B 176 -10.91 33.55 25.22
C GLN B 176 -10.45 32.73 26.43
N ARG B 177 -9.72 31.64 26.20
CA ARG B 177 -8.92 31.01 27.24
C ARG B 177 -7.45 31.40 27.15
N GLY B 178 -7.12 32.34 26.26
CA GLY B 178 -5.75 32.76 26.08
C GLY B 178 -4.95 31.96 25.07
N VAL B 179 -5.61 31.24 24.17
CA VAL B 179 -4.93 30.42 23.19
C VAL B 179 -4.71 31.23 21.92
N THR B 180 -3.47 31.25 21.44
CA THR B 180 -3.12 31.91 20.20
C THR B 180 -3.28 30.94 19.03
N VAL B 181 -3.85 31.42 17.94
CA VAL B 181 -4.21 30.58 16.80
C VAL B 181 -3.59 31.13 15.53
N LEU B 182 -3.08 30.23 14.69
CA LEU B 182 -2.77 30.51 13.30
C LEU B 182 -3.68 29.70 12.39
N LEU B 183 -4.32 30.37 11.43
CA LEU B 183 -5.34 29.70 10.63
C LEU B 183 -4.78 29.14 9.32
N SER B 184 -4.25 30.00 8.45
CA SER B 184 -3.67 29.58 7.18
C SER B 184 -4.69 28.79 6.34
N SER B 185 -5.73 29.51 5.92
CA SER B 185 -7.01 28.89 5.58
C SER B 185 -7.12 28.43 4.12
N HIS B 186 -6.94 29.35 3.17
CA HIS B 186 -7.33 29.25 1.74
C HIS B 186 -8.82 29.48 1.51
N ILE B 187 -9.61 29.68 2.55
CA ILE B 187 -11.04 29.99 2.41
C ILE B 187 -11.26 31.32 3.11
N LEU B 188 -11.44 32.38 2.32
CA LEU B 188 -11.44 33.72 2.88
C LEU B 188 -12.72 34.02 3.66
N ALA B 189 -13.78 33.24 3.48
CA ALA B 189 -15.00 33.46 4.26
C ALA B 189 -14.76 33.17 5.74
N GLU B 190 -14.18 32.01 6.05
CA GLU B 190 -13.89 31.70 7.45
C GLU B 190 -12.78 32.58 8.01
N THR B 191 -11.83 32.99 7.18
CA THR B 191 -10.81 33.93 7.64
C THR B 191 -11.42 35.27 8.04
N GLU B 192 -12.35 35.77 7.22
CA GLU B 192 -13.04 37.01 7.57
C GLU B 192 -13.91 36.83 8.80
N ALA B 193 -14.53 35.66 8.95
CA ALA B 193 -15.40 35.42 10.10
C ALA B 193 -14.60 35.36 11.40
N LEU B 194 -13.42 34.74 11.37
CA LEU B 194 -12.68 34.48 12.61
C LEU B 194 -11.57 35.51 12.85
N CYS B 195 -10.72 35.74 11.86
CA CYS B 195 -9.45 36.42 12.08
C CYS B 195 -9.55 37.92 11.87
N GLU B 196 -8.79 38.65 12.68
CA GLU B 196 -8.37 40.01 12.38
C GLU B 196 -6.86 40.03 12.23
N LYS B 197 -6.35 41.11 11.62
CA LYS B 197 -4.91 41.27 11.39
C LYS B 197 -4.37 40.12 10.54
N VAL B 198 -4.83 40.10 9.28
CA VAL B 198 -4.33 39.14 8.31
C VAL B 198 -2.96 39.56 7.79
N THR B 199 -2.28 38.64 7.11
CA THR B 199 -1.02 38.95 6.43
C THR B 199 -0.97 38.16 5.13
N ILE B 200 -0.71 38.87 4.03
CA ILE B 200 -0.76 38.33 2.67
C ILE B 200 0.65 38.34 2.10
N ILE B 201 1.09 37.17 1.62
CA ILE B 201 2.43 36.99 1.06
C ILE B 201 2.32 36.56 -0.40
N ARG B 202 3.23 37.06 -1.24
CA ARG B 202 3.16 36.78 -2.67
C ARG B 202 4.16 35.73 -3.13
N ALA B 203 5.46 36.00 -2.98
CA ALA B 203 6.47 35.06 -3.47
C ALA B 203 7.34 34.51 -2.35
N GLY B 204 8.07 35.36 -1.64
CA GLY B 204 8.67 34.99 -0.38
C GLY B 204 8.38 36.06 0.65
N LYS B 205 8.02 37.24 0.14
CA LYS B 205 7.83 38.43 0.95
C LYS B 205 6.38 38.54 1.40
N THR B 206 6.16 39.35 2.42
CA THR B 206 4.81 39.71 2.84
C THR B 206 4.43 41.01 2.14
N VAL B 207 3.48 40.93 1.21
CA VAL B 207 3.10 42.13 0.47
C VAL B 207 2.06 42.96 1.20
N GLU B 208 1.36 42.40 2.19
CA GLU B 208 0.40 43.21 2.92
C GLU B 208 0.23 42.64 4.32
N SER B 209 -0.13 43.51 5.26
CA SER B 209 -0.36 43.06 6.62
C SER B 209 -1.22 44.06 7.36
N GLY B 210 -2.02 43.58 8.30
CA GLY B 210 -2.78 44.47 9.15
C GLY B 210 -4.20 44.04 9.43
N SER B 211 -4.93 44.84 10.18
CA SER B 211 -6.31 44.54 10.50
C SER B 211 -7.21 44.79 9.29
N VAL C 1 -35.02 18.47 -20.21
CA VAL C 1 -34.78 18.34 -18.79
C VAL C 1 -33.73 17.27 -18.54
N PRO C 2 -32.46 17.68 -18.39
CA PRO C 2 -31.39 16.70 -18.17
C PRO C 2 -31.60 15.82 -16.95
N ILE C 3 -32.09 16.37 -15.84
CA ILE C 3 -32.28 15.62 -14.61
C ILE C 3 -33.67 15.91 -14.07
N GLU C 4 -34.41 14.85 -13.73
CA GLU C 4 -35.75 15.00 -13.17
C GLU C 4 -36.00 13.81 -12.24
N ILE C 5 -35.81 14.05 -10.94
CA ILE C 5 -36.06 13.07 -9.89
C ILE C 5 -37.21 13.59 -9.05
N ARG C 6 -38.20 12.74 -8.80
CA ARG C 6 -39.22 13.06 -7.80
C ARG C 6 -39.82 11.77 -7.25
N GLY C 7 -39.62 11.56 -5.95
CA GLY C 7 -40.08 10.36 -5.28
C GLY C 7 -38.98 9.39 -4.91
N LEU C 8 -37.71 9.76 -5.06
CA LEU C 8 -36.61 8.82 -4.86
C LEU C 8 -36.59 8.31 -3.42
N THR C 9 -36.38 7.01 -3.28
CA THR C 9 -36.31 6.35 -1.98
C THR C 9 -35.23 5.29 -2.01
N LYS C 10 -34.50 5.13 -0.90
CA LYS C 10 -33.54 4.06 -0.78
C LYS C 10 -33.15 3.85 0.66
N HIS C 11 -33.21 2.58 1.09
CA HIS C 11 -32.73 2.10 2.38
C HIS C 11 -31.53 1.19 2.13
N PHE C 12 -30.43 1.47 2.81
CA PHE C 12 -29.19 0.73 2.52
C PHE C 12 -29.06 -0.51 3.38
N GLY C 13 -29.00 -0.35 4.68
CA GLY C 13 -28.97 -1.54 5.54
C GLY C 13 -30.32 -2.20 5.50
N SER C 14 -31.34 -1.45 5.14
CA SER C 14 -32.76 -1.71 5.45
C SER C 14 -32.98 -1.23 6.89
N VAL C 15 -32.07 -0.44 7.41
CA VAL C 15 -32.24 0.24 8.73
C VAL C 15 -31.77 1.68 8.63
N ARG C 16 -31.22 2.10 7.49
CA ARG C 16 -30.77 3.51 7.38
C ARG C 16 -31.47 4.15 6.18
N ALA C 17 -32.60 4.83 6.42
CA ALA C 17 -33.31 5.41 5.28
C ALA C 17 -32.46 6.59 4.83
N LEU C 18 -31.60 6.46 3.81
CA LEU C 18 -30.83 7.57 3.27
C LEU C 18 -31.81 8.42 2.47
N ASP C 19 -32.65 7.81 1.65
CA ASP C 19 -33.48 8.60 0.77
C ASP C 19 -34.94 8.30 1.04
N GLY C 20 -35.71 9.35 1.31
CA GLY C 20 -37.15 9.28 1.26
C GLY C 20 -37.70 10.56 0.66
N LEU C 21 -38.41 10.44 -0.46
CA LEU C 21 -39.10 11.57 -1.10
C LEU C 21 -38.12 12.70 -1.45
N ASP C 22 -37.21 12.38 -2.37
CA ASP C 22 -36.25 13.35 -2.89
C ASP C 22 -36.74 13.92 -4.21
N LEU C 23 -36.44 15.19 -4.45
CA LEU C 23 -36.87 15.90 -5.66
C LEU C 23 -35.72 16.76 -6.20
N THR C 24 -35.68 16.89 -7.52
CA THR C 24 -34.66 17.67 -8.23
C THR C 24 -35.08 17.80 -9.68
N VAL C 25 -34.94 19.00 -10.24
CA VAL C 25 -35.24 19.26 -11.65
C VAL C 25 -34.20 20.24 -12.21
N ARG C 26 -33.53 19.95 -13.31
CA ARG C 26 -32.48 20.80 -13.91
C ARG C 26 -32.87 20.99 -15.38
N GLU C 27 -32.55 22.09 -16.08
CA GLU C 27 -33.06 22.48 -17.39
C GLU C 27 -32.01 23.05 -18.36
N GLY C 28 -30.74 23.08 -18.01
CA GLY C 28 -29.75 23.72 -18.86
C GLY C 28 -29.03 24.85 -18.18
N GLU C 29 -28.93 24.76 -16.84
CA GLU C 29 -28.43 25.84 -16.00
C GLU C 29 -27.36 25.32 -15.05
N VAL C 30 -26.95 26.16 -14.10
CA VAL C 30 -26.09 25.74 -13.00
C VAL C 30 -26.93 25.63 -11.75
N HIS C 31 -26.89 24.46 -11.11
CA HIS C 31 -27.76 24.14 -9.99
C HIS C 31 -26.93 23.82 -8.77
N GLY C 32 -27.31 24.39 -7.62
CA GLY C 32 -26.63 24.13 -6.36
C GLY C 32 -27.37 23.07 -5.57
N PHE C 33 -26.61 22.14 -4.99
CA PHE C 33 -27.16 20.97 -4.31
C PHE C 33 -26.57 20.94 -2.91
N LEU C 34 -27.31 21.45 -1.93
CA LEU C 34 -26.78 21.72 -0.61
C LEU C 34 -27.39 20.79 0.44
N GLY C 35 -26.57 20.45 1.43
CA GLY C 35 -26.98 19.62 2.53
C GLY C 35 -25.78 19.09 3.29
N PRO C 36 -26.02 18.50 4.46
CA PRO C 36 -24.91 17.91 5.23
C PRO C 36 -24.34 16.67 4.57
N ASN C 37 -23.37 16.03 5.23
CA ASN C 37 -22.68 14.90 4.62
C ASN C 37 -23.55 13.65 4.60
N GLY C 38 -24.34 13.43 5.64
CA GLY C 38 -25.19 12.25 5.72
C GLY C 38 -26.58 12.43 5.16
N ALA C 39 -26.85 13.51 4.45
CA ALA C 39 -28.19 13.81 3.97
C ALA C 39 -28.57 13.06 2.70
N GLY C 40 -27.62 12.45 2.02
CA GLY C 40 -27.90 11.69 0.83
C GLY C 40 -27.57 12.34 -0.50
N LYS C 41 -26.62 13.28 -0.53
CA LYS C 41 -26.19 13.83 -1.81
C LYS C 41 -25.30 12.83 -2.56
N SER C 42 -24.39 12.18 -1.81
CA SER C 42 -23.54 11.18 -2.44
C SER C 42 -24.36 10.01 -2.99
N THR C 43 -25.38 9.59 -2.24
CA THR C 43 -26.25 8.53 -2.73
C THR C 43 -26.99 8.95 -3.99
N THR C 44 -27.43 10.21 -4.06
CA THR C 44 -28.13 10.68 -5.25
C THR C 44 -27.21 10.73 -6.46
N LEU C 45 -25.99 11.25 -6.29
CA LEU C 45 -25.04 11.24 -7.40
C LEU C 45 -24.68 9.82 -7.81
N ARG C 46 -24.60 8.85 -6.90
CA ARG C 46 -24.23 7.45 -7.25
C ARG C 46 -25.43 6.65 -7.69
N ILE C 47 -26.60 7.21 -7.54
CA ILE C 47 -27.75 6.61 -8.22
C ILE C 47 -27.90 7.17 -9.63
N LEU C 48 -27.56 8.45 -9.81
CA LEU C 48 -27.60 9.04 -11.15
C LEU C 48 -26.65 8.32 -12.09
N LEU C 49 -25.46 8.01 -11.62
CA LEU C 49 -24.64 7.02 -12.30
C LEU C 49 -25.18 5.62 -11.99
N GLY C 50 -24.85 4.67 -12.85
CA GLY C 50 -25.42 3.35 -12.69
C GLY C 50 -24.97 2.59 -11.45
N LEU C 51 -24.10 3.21 -10.64
CA LEU C 51 -23.50 2.51 -9.51
C LEU C 51 -24.43 1.88 -8.49
N VAL C 52 -25.57 2.49 -8.19
CA VAL C 52 -26.47 2.05 -7.15
C VAL C 52 -27.89 2.06 -7.69
N LYS C 53 -28.69 1.08 -7.28
CA LYS C 53 -30.07 0.95 -7.72
C LYS C 53 -31.02 1.50 -6.66
N ALA C 54 -32.10 2.15 -7.12
CA ALA C 54 -33.04 2.79 -6.23
C ALA C 54 -34.19 1.84 -5.87
N ASP C 55 -34.79 2.07 -4.71
CA ASP C 55 -35.91 1.27 -4.25
C ASP C 55 -37.25 1.78 -4.76
N GLY C 56 -37.36 3.06 -5.05
CA GLY C 56 -38.62 3.62 -5.51
C GLY C 56 -38.40 4.95 -6.19
N GLY C 57 -39.50 5.51 -6.69
CA GLY C 57 -39.48 6.80 -7.33
C GLY C 57 -38.99 6.75 -8.76
N SER C 58 -39.03 7.91 -9.40
CA SER C 58 -38.63 8.05 -10.80
C SER C 58 -37.32 8.81 -10.87
N VAL C 59 -36.37 8.27 -11.64
CA VAL C 59 -35.10 8.94 -11.93
C VAL C 59 -35.00 8.99 -13.44
N ARG C 60 -34.77 10.14 -14.03
CA ARG C 60 -34.78 10.18 -15.51
C ARG C 60 -33.65 11.10 -15.95
N LEU C 61 -32.50 10.51 -16.26
CA LEU C 61 -31.26 11.16 -16.68
C LEU C 61 -31.22 11.25 -18.20
N LEU C 62 -31.33 12.47 -18.73
CA LEU C 62 -31.23 12.72 -20.16
C LEU C 62 -32.21 11.87 -20.95
N GLY C 63 -33.41 11.69 -20.42
CA GLY C 63 -34.41 10.90 -21.11
C GLY C 63 -34.45 9.44 -20.72
N GLY C 64 -33.31 8.78 -20.71
CA GLY C 64 -33.25 7.39 -20.31
C GLY C 64 -33.14 7.21 -18.82
N ASP C 65 -33.19 5.95 -18.38
CA ASP C 65 -33.01 5.78 -16.95
C ASP C 65 -31.57 5.35 -16.63
N PRO C 66 -31.06 5.68 -15.45
CA PRO C 66 -29.63 5.49 -15.20
C PRO C 66 -29.18 4.04 -15.06
N TRP C 67 -30.07 3.12 -14.71
CA TRP C 67 -29.64 1.76 -14.40
C TRP C 67 -29.37 0.96 -15.67
N THR C 68 -30.39 0.80 -16.52
CA THR C 68 -30.22 -0.01 -17.72
C THR C 68 -29.37 0.73 -18.75
N ASP C 69 -29.64 2.01 -18.98
CA ASP C 69 -28.91 2.79 -19.98
C ASP C 69 -27.70 3.49 -19.38
N ALA C 70 -26.85 2.74 -18.69
CA ALA C 70 -25.71 3.34 -18.00
C ALA C 70 -24.47 3.45 -18.87
N VAL C 71 -24.49 2.88 -20.08
CA VAL C 71 -23.35 2.94 -20.97
C VAL C 71 -23.59 3.91 -22.11
N ASP C 72 -24.82 3.97 -22.62
CA ASP C 72 -25.14 4.89 -23.70
C ASP C 72 -25.24 6.33 -23.20
N LEU C 73 -25.66 6.53 -21.97
CA LEU C 73 -25.85 7.87 -21.42
C LEU C 73 -24.58 8.47 -20.85
N HIS C 74 -23.55 7.68 -20.58
CA HIS C 74 -22.35 8.15 -19.93
C HIS C 74 -21.37 8.81 -20.87
N ARG C 75 -21.73 8.83 -22.14
CA ARG C 75 -20.90 9.43 -23.20
C ARG C 75 -21.09 10.94 -23.23
N HIS C 76 -22.22 11.46 -22.74
CA HIS C 76 -22.53 12.88 -22.78
C HIS C 76 -22.35 13.49 -21.41
N ILE C 77 -21.58 12.85 -20.53
CA ILE C 77 -21.54 13.18 -19.11
C ILE C 77 -20.09 13.20 -18.64
N ALA C 78 -19.75 14.19 -17.81
CA ALA C 78 -18.46 14.20 -17.13
C ALA C 78 -18.71 14.24 -15.63
N TYR C 79 -17.76 13.71 -14.87
CA TYR C 79 -17.94 13.53 -13.43
C TYR C 79 -16.66 13.86 -12.69
N VAL C 80 -16.78 14.62 -11.61
CA VAL C 80 -15.63 14.92 -10.76
C VAL C 80 -15.86 14.34 -9.37
N PRO C 81 -15.07 13.34 -8.96
CA PRO C 81 -15.35 12.67 -7.69
C PRO C 81 -15.06 13.57 -6.49
N GLY C 82 -15.75 13.25 -5.38
CA GLY C 82 -15.50 13.99 -4.15
C GLY C 82 -14.14 13.71 -3.57
N ASP C 83 -13.66 12.47 -3.73
CA ASP C 83 -12.33 11.96 -3.33
C ASP C 83 -11.90 10.74 -4.16
N VAL C 84 -10.87 10.85 -5.03
CA VAL C 84 -10.18 9.69 -5.70
C VAL C 84 -8.69 9.69 -5.34
N THR C 85 -8.03 8.56 -5.52
CA THR C 85 -6.56 8.49 -5.49
C THR C 85 -6.03 8.02 -6.85
N LEU C 86 -5.61 8.95 -7.68
CA LEU C 86 -5.21 8.67 -9.06
C LEU C 86 -4.10 7.62 -9.06
N TRP C 87 -3.94 6.87 -10.15
CA TRP C 87 -3.00 5.76 -10.27
C TRP C 87 -1.58 6.28 -10.06
N PRO C 88 -0.82 5.72 -9.13
CA PRO C 88 0.48 6.32 -8.77
C PRO C 88 1.53 6.24 -9.87
N SER C 89 1.44 5.27 -10.79
CA SER C 89 2.49 5.05 -11.77
C SER C 89 2.28 5.83 -13.06
N LEU C 90 1.17 6.54 -13.20
CA LEU C 90 0.86 7.27 -14.41
C LEU C 90 1.10 8.75 -14.22
N THR C 91 1.53 9.42 -15.28
CA THR C 91 1.75 10.86 -15.21
C THR C 91 0.43 11.60 -15.31
N GLY C 92 0.48 12.93 -15.17
CA GLY C 92 -0.73 13.72 -15.27
C GLY C 92 -1.34 13.70 -16.66
N GLY C 93 -0.50 13.86 -17.69
CA GLY C 93 -1.00 13.83 -19.05
C GLY C 93 -1.56 12.48 -19.45
N GLU C 94 -0.91 11.41 -19.01
CA GLU C 94 -1.41 10.06 -19.28
C GLU C 94 -2.79 9.86 -18.66
N THR C 95 -2.95 10.27 -17.41
CA THR C 95 -4.25 10.14 -16.75
C THR C 95 -5.31 10.97 -17.45
N ILE C 96 -4.98 12.14 -17.98
CA ILE C 96 -5.94 13.03 -18.70
C ILE C 96 -6.18 12.49 -20.10
N ASP C 97 -5.42 11.48 -20.52
CA ASP C 97 -5.57 10.84 -21.86
C ASP C 97 -6.19 9.44 -21.79
N LEU C 98 -6.09 8.75 -20.66
CA LEU C 98 -6.74 7.45 -20.43
C LEU C 98 -8.21 7.72 -20.26
N LEU C 99 -8.58 8.78 -19.56
CA LEU C 99 -9.99 9.02 -19.23
C LEU C 99 -10.72 9.63 -20.39
N ALA C 100 -10.00 10.02 -21.44
CA ALA C 100 -10.49 10.63 -22.69
C ALA C 100 -10.72 9.55 -23.74
N ARG C 101 -10.09 8.40 -23.59
CA ARG C 101 -10.17 7.25 -24.52
C ARG C 101 -11.34 6.43 -24.04
N MET C 102 -11.95 6.85 -22.95
CA MET C 102 -13.09 6.12 -22.36
C MET C 102 -14.38 6.94 -22.19
N ARG C 103 -14.35 8.25 -22.22
CA ARG C 103 -15.62 8.92 -22.45
C ARG C 103 -15.79 8.81 -23.96
N GLY C 104 -14.68 8.79 -24.67
CA GLY C 104 -14.71 8.71 -26.13
C GLY C 104 -14.05 9.87 -26.85
N GLY C 105 -13.56 10.91 -26.18
CA GLY C 105 -13.36 12.20 -26.88
C GLY C 105 -12.77 13.26 -25.97
N ILE C 106 -11.75 14.01 -26.44
CA ILE C 106 -11.21 15.18 -25.77
C ILE C 106 -11.10 16.31 -26.78
N ASP C 107 -11.01 17.53 -26.26
CA ASP C 107 -10.77 18.72 -27.08
C ASP C 107 -9.36 19.19 -26.76
N ASN C 108 -8.46 19.04 -27.74
CA ASN C 108 -7.05 19.36 -27.49
C ASN C 108 -6.84 20.86 -27.35
N ALA C 109 -7.58 21.67 -28.12
CA ALA C 109 -7.42 23.11 -28.04
C ALA C 109 -7.77 23.63 -26.65
N ARG C 110 -8.86 23.12 -26.06
CA ARG C 110 -9.22 23.51 -24.70
C ARG C 110 -8.27 22.90 -23.68
N ARG C 111 -7.81 21.68 -23.93
CA ARG C 111 -6.92 21.00 -22.98
C ARG C 111 -5.60 21.76 -22.84
N ALA C 112 -5.06 22.25 -23.94
CA ALA C 112 -3.78 22.96 -23.88
C ALA C 112 -3.88 24.22 -23.02
N GLU C 113 -4.92 25.02 -23.25
CA GLU C 113 -5.06 26.25 -22.48
C GLU C 113 -5.45 25.98 -21.03
N LEU C 114 -6.21 24.91 -20.77
CA LEU C 114 -6.53 24.56 -19.39
C LEU C 114 -5.27 24.16 -18.63
N ILE C 115 -4.40 23.37 -19.26
CA ILE C 115 -3.14 23.02 -18.63
C ILE C 115 -2.28 24.27 -18.45
N GLU C 116 -2.33 25.19 -19.41
CA GLU C 116 -1.52 26.39 -19.32
C GLU C 116 -1.92 27.27 -18.14
N ARG C 117 -3.23 27.43 -17.91
CA ARG C 117 -3.65 28.39 -16.88
C ARG C 117 -3.98 27.77 -15.53
N PHE C 118 -4.23 26.46 -15.43
CA PHE C 118 -4.17 25.84 -14.11
C PHE C 118 -2.75 25.61 -13.64
N GLY C 119 -1.75 25.80 -14.49
CA GLY C 119 -0.37 25.65 -14.09
C GLY C 119 -0.01 24.25 -13.66
N LEU C 120 -0.41 23.26 -14.45
CA LEU C 120 -0.11 21.86 -14.17
C LEU C 120 1.11 21.43 -14.97
N ASP C 121 1.84 20.46 -14.42
CA ASP C 121 2.99 19.87 -15.08
C ASP C 121 2.64 18.44 -15.48
N PRO C 122 2.25 18.19 -16.73
CA PRO C 122 1.79 16.85 -17.09
C PRO C 122 2.90 15.90 -17.45
N THR C 123 3.96 15.87 -16.64
CA THR C 123 5.04 14.91 -16.80
C THR C 123 5.46 14.24 -15.50
N LYS C 124 5.20 14.84 -14.35
CA LYS C 124 5.45 14.17 -13.09
C LYS C 124 4.46 13.03 -12.90
N LYS C 125 4.92 11.96 -12.25
CA LYS C 125 4.03 10.86 -11.93
C LYS C 125 3.01 11.30 -10.89
N ALA C 126 1.80 10.72 -10.99
CA ALA C 126 0.73 11.11 -10.09
C ALA C 126 1.03 10.81 -8.64
N ARG C 127 2.03 9.97 -8.38
CA ARG C 127 2.45 9.70 -7.01
C ARG C 127 3.06 10.92 -6.34
N THR C 128 3.68 11.81 -7.12
CA THR C 128 4.36 12.97 -6.57
C THR C 128 3.48 14.20 -6.44
N TYR C 129 2.25 14.16 -6.97
CA TYR C 129 1.39 15.33 -6.96
C TYR C 129 0.92 15.65 -5.55
N SER C 130 0.78 16.94 -5.27
CA SER C 130 0.29 17.38 -3.98
C SER C 130 -1.24 17.39 -3.98
N LYS C 131 -1.83 17.88 -2.88
CA LYS C 131 -3.27 17.92 -2.77
C LYS C 131 -3.89 18.84 -3.81
N GLY C 132 -3.28 20.01 -4.02
CA GLY C 132 -3.82 20.95 -4.99
C GLY C 132 -3.68 20.46 -6.42
N ASN C 133 -2.54 19.83 -6.75
CA ASN C 133 -2.29 19.37 -8.11
C ASN C 133 -3.05 18.11 -8.47
N ARG C 134 -3.52 17.36 -7.48
CA ARG C 134 -4.33 16.18 -7.78
C ARG C 134 -5.73 16.58 -8.26
N GLN C 135 -6.28 17.67 -7.72
CA GLN C 135 -7.59 18.13 -8.14
C GLN C 135 -7.55 18.71 -9.55
N LYS C 136 -6.44 19.33 -9.93
CA LYS C 136 -6.33 19.91 -11.26
C LYS C 136 -6.43 18.87 -12.35
N VAL C 137 -5.93 17.65 -12.10
CA VAL C 137 -6.02 16.60 -13.10
C VAL C 137 -7.47 16.27 -13.40
N SER C 138 -8.28 16.07 -12.36
CA SER C 138 -9.70 15.78 -12.55
C SER C 138 -10.41 16.95 -13.20
N LEU C 139 -10.10 18.18 -12.77
CA LEU C 139 -10.78 19.34 -13.33
C LEU C 139 -10.46 19.52 -14.81
N ILE C 140 -9.20 19.33 -15.19
CA ILE C 140 -8.83 19.46 -16.60
C ILE C 140 -9.44 18.33 -17.42
N SER C 141 -9.47 17.12 -16.87
CA SER C 141 -10.04 16.01 -17.61
C SER C 141 -11.54 16.18 -17.82
N ALA C 142 -12.23 16.79 -16.86
CA ALA C 142 -13.68 16.97 -16.98
C ALA C 142 -14.06 18.20 -17.80
N LEU C 143 -13.31 19.30 -17.67
CA LEU C 143 -13.67 20.53 -18.36
C LEU C 143 -13.24 20.56 -19.81
N SER C 144 -12.44 19.59 -20.26
CA SER C 144 -12.01 19.48 -21.65
C SER C 144 -12.51 18.14 -22.17
N SER C 145 -13.80 18.11 -22.49
CA SER C 145 -14.47 16.86 -22.91
C SER C 145 -15.57 17.26 -23.89
N HIS C 146 -16.52 16.37 -24.12
CA HIS C 146 -17.56 16.66 -25.12
C HIS C 146 -18.95 16.35 -24.53
N ALA C 147 -19.13 16.79 -23.30
CA ALA C 147 -20.18 16.48 -22.33
C ALA C 147 -21.17 17.62 -22.31
N THR C 148 -22.46 17.31 -22.28
CA THR C 148 -23.60 18.21 -22.12
C THR C 148 -24.10 18.23 -20.69
N LEU C 149 -23.40 17.56 -19.77
CA LEU C 149 -23.81 17.53 -18.37
C LEU C 149 -22.58 17.22 -17.53
N LEU C 150 -22.28 18.10 -16.57
CA LEU C 150 -21.17 17.95 -15.66
C LEU C 150 -21.71 17.69 -14.26
N LEU C 151 -21.26 16.62 -13.63
CA LEU C 151 -21.62 16.29 -12.25
C LEU C 151 -20.37 16.51 -11.41
N LEU C 152 -20.27 17.71 -10.85
CA LEU C 152 -19.18 18.04 -9.95
C LEU C 152 -19.58 17.73 -8.52
N ASP C 153 -18.60 17.36 -7.70
CA ASP C 153 -18.84 17.01 -6.31
C ASP C 153 -17.63 17.51 -5.52
N GLU C 154 -17.80 18.65 -4.84
CA GLU C 154 -16.70 19.37 -4.23
C GLU C 154 -15.60 19.65 -5.27
N PRO C 155 -15.92 20.38 -6.33
CA PRO C 155 -14.95 20.50 -7.44
C PRO C 155 -13.65 21.18 -7.06
N SER C 156 -13.69 22.14 -6.14
CA SER C 156 -12.50 22.91 -5.76
C SER C 156 -12.17 22.60 -4.31
N SER C 157 -11.41 21.54 -4.11
CA SER C 157 -10.97 21.10 -2.79
C SER C 157 -9.44 21.05 -2.81
N GLY C 158 -8.81 21.95 -2.07
CA GLY C 158 -7.37 22.08 -2.10
C GLY C 158 -6.84 23.14 -3.03
N LEU C 159 -7.70 23.98 -3.59
CA LEU C 159 -7.31 24.98 -4.56
C LEU C 159 -7.23 26.35 -3.90
N ASP C 160 -6.11 27.05 -4.13
CA ASP C 160 -5.94 28.38 -3.61
C ASP C 160 -6.89 29.36 -4.30
N PRO C 161 -7.13 30.54 -3.72
CA PRO C 161 -8.16 31.43 -4.28
C PRO C 161 -7.94 31.80 -5.74
N LEU C 162 -6.70 31.85 -6.21
CA LEU C 162 -6.47 32.18 -7.62
C LEU C 162 -7.01 31.07 -8.53
N MET C 163 -6.71 29.81 -8.20
CA MET C 163 -7.26 28.73 -9.00
C MET C 163 -8.76 28.58 -8.79
N GLU C 164 -9.26 28.97 -7.63
CA GLU C 164 -10.70 29.06 -7.44
C GLU C 164 -11.32 30.04 -8.43
N ASN C 165 -10.71 31.21 -8.57
CA ASN C 165 -11.22 32.20 -9.53
C ASN C 165 -11.14 31.69 -10.95
N VAL C 166 -10.04 31.02 -11.30
CA VAL C 166 -9.91 30.48 -12.64
C VAL C 166 -10.97 29.43 -12.92
N PHE C 167 -11.24 28.56 -11.93
CA PHE C 167 -12.27 27.54 -12.09
C PHE C 167 -13.65 28.17 -12.24
N GLN C 168 -13.93 29.22 -11.47
CA GLN C 168 -15.22 29.91 -11.60
C GLN C 168 -15.36 30.52 -13.00
N GLN C 169 -14.30 31.14 -13.51
CA GLN C 169 -14.37 31.72 -14.84
C GLN C 169 -14.54 30.65 -15.92
N CYS C 170 -13.90 29.49 -15.73
CA CYS C 170 -14.08 28.40 -16.68
C CYS C 170 -15.51 27.88 -16.68
N ILE C 171 -16.12 27.76 -15.48
CA ILE C 171 -17.52 27.34 -15.42
C ILE C 171 -18.42 28.37 -16.07
N GLY C 172 -18.12 29.66 -15.87
CA GLY C 172 -18.89 30.70 -16.54
C GLY C 172 -18.79 30.63 -18.04
N GLU C 173 -17.59 30.33 -18.55
CA GLU C 173 -17.42 30.16 -19.99
C GLU C 173 -18.20 28.95 -20.50
N ALA C 174 -18.17 27.85 -19.74
CA ALA C 174 -18.87 26.65 -20.17
C ALA C 174 -20.38 26.84 -20.18
N ARG C 175 -20.89 27.63 -19.24
CA ARG C 175 -22.34 27.77 -19.08
C ARG C 175 -23.02 28.35 -20.30
N GLN C 176 -22.30 29.11 -21.14
CA GLN C 176 -22.91 29.69 -22.32
C GLN C 176 -22.57 28.96 -23.60
N ARG C 177 -22.07 27.72 -23.50
CA ARG C 177 -22.06 26.80 -24.62
C ARG C 177 -23.22 25.80 -24.54
N GLY C 178 -24.13 25.98 -23.58
CA GLY C 178 -25.24 25.06 -23.41
C GLY C 178 -24.97 23.89 -22.50
N VAL C 179 -23.96 23.95 -21.66
CA VAL C 179 -23.61 22.86 -20.77
C VAL C 179 -24.34 23.03 -19.44
N THR C 180 -25.02 21.97 -19.02
CA THR C 180 -25.70 21.96 -17.73
C THR C 180 -24.75 21.46 -16.65
N VAL C 181 -24.76 22.11 -15.49
CA VAL C 181 -23.80 21.84 -14.42
C VAL C 181 -24.54 21.54 -13.13
N LEU C 182 -24.04 20.56 -12.40
CA LEU C 182 -24.37 20.34 -10.99
C LEU C 182 -23.14 20.57 -10.13
N LEU C 183 -23.27 21.39 -9.09
CA LEU C 183 -22.11 21.79 -8.32
C LEU C 183 -21.89 20.92 -7.09
N SER C 184 -22.85 20.89 -6.17
CA SER C 184 -22.76 20.09 -4.95
C SER C 184 -21.48 20.42 -4.16
N SER C 185 -21.47 21.65 -3.65
CA SER C 185 -20.22 22.33 -3.31
C SER C 185 -19.70 22.03 -1.90
N HIS C 186 -20.50 22.34 -0.87
CA HIS C 186 -20.12 22.49 0.56
C HIS C 186 -19.46 23.82 0.85
N ILE C 187 -19.23 24.68 -0.13
CA ILE C 187 -18.67 26.00 0.08
C ILE C 187 -19.68 26.99 -0.49
N LEU C 188 -20.41 27.67 0.40
CA LEU C 188 -21.54 28.47 -0.05
C LEU C 188 -21.11 29.75 -0.74
N ALA C 189 -19.86 30.17 -0.60
CA ALA C 189 -19.40 31.35 -1.31
C ALA C 189 -19.37 31.13 -2.82
N GLU C 190 -18.77 30.02 -3.26
CA GLU C 190 -18.74 29.71 -4.69
C GLU C 190 -20.13 29.35 -5.20
N THR C 191 -20.96 28.72 -4.37
CA THR C 191 -22.34 28.44 -4.78
C THR C 191 -23.11 29.72 -5.03
N GLU C 192 -22.95 30.71 -4.15
CA GLU C 192 -23.60 31.99 -4.36
C GLU C 192 -23.03 32.71 -5.56
N ALA C 193 -21.72 32.59 -5.80
CA ALA C 193 -21.11 33.26 -6.94
C ALA C 193 -21.57 32.66 -8.26
N LEU C 194 -21.72 31.34 -8.34
CA LEU C 194 -22.01 30.68 -9.61
C LEU C 194 -23.49 30.36 -9.80
N CYS C 195 -24.10 29.71 -8.82
CA CYS C 195 -25.39 29.06 -9.02
C CYS C 195 -26.56 29.97 -8.68
N GLU C 196 -27.63 29.81 -9.43
CA GLU C 196 -28.97 30.22 -9.04
C GLU C 196 -29.83 28.97 -8.93
N LYS C 197 -30.98 29.10 -8.26
CA LYS C 197 -31.91 27.99 -8.06
C LYS C 197 -31.22 26.83 -7.32
N VAL C 198 -30.88 27.10 -6.07
CA VAL C 198 -30.31 26.07 -5.20
C VAL C 198 -31.41 25.15 -4.70
N THR C 199 -31.00 24.01 -4.12
CA THR C 199 -31.92 23.09 -3.46
C THR C 199 -31.24 22.50 -2.24
N ILE C 200 -31.91 22.61 -1.09
CA ILE C 200 -31.37 22.23 0.21
C ILE C 200 -32.13 21.02 0.74
N ILE C 201 -31.40 19.97 1.10
CA ILE C 201 -31.97 18.72 1.59
C ILE C 201 -31.48 18.46 3.00
N ARG C 202 -32.35 17.93 3.86
CA ARG C 202 -32.01 17.71 5.26
C ARG C 202 -31.68 16.26 5.59
N ALA C 203 -32.65 15.35 5.43
CA ALA C 203 -32.42 13.95 5.79
C ALA C 203 -32.51 13.01 4.59
N GLY C 204 -33.67 12.95 3.93
CA GLY C 204 -33.77 12.34 2.63
C GLY C 204 -34.55 13.26 1.72
N LYS C 205 -35.28 14.18 2.33
CA LYS C 205 -36.20 15.06 1.64
C LYS C 205 -35.49 16.36 1.26
N THR C 206 -36.10 17.08 0.32
CA THR C 206 -35.65 18.43 -0.02
C THR C 206 -36.47 19.40 0.81
N VAL C 207 -35.82 20.08 1.76
CA VAL C 207 -36.54 21.00 2.62
C VAL C 207 -36.68 22.38 2.00
N GLU C 208 -35.88 22.72 0.99
CA GLU C 208 -36.05 24.03 0.37
C GLU C 208 -35.56 23.95 -1.07
N SER C 209 -36.11 24.81 -1.92
CA SER C 209 -35.69 24.85 -3.31
C SER C 209 -36.08 26.19 -3.92
N GLY C 210 -35.28 26.65 -4.87
CA GLY C 210 -35.63 27.84 -5.61
C GLY C 210 -34.49 28.80 -5.88
N SER C 211 -34.78 29.91 -6.54
CA SER C 211 -33.76 30.91 -6.83
C SER C 211 -33.40 31.69 -5.57
#